data_9QA3
#
_entry.id   9QA3
#
_cell.length_a   172.432
_cell.length_b   172.432
_cell.length_c   103.5
_cell.angle_alpha   90
_cell.angle_beta   90
_cell.angle_gamma   120
#
_symmetry.space_group_name_H-M   'H 3'
#
loop_
_entity.id
_entity.type
_entity.pdbx_description
1 polymer 'Angiotensin-converting enzyme'
2 polymer TYR-TRP
3 branched beta-D-mannopyranose-(1-6)-alpha-D-mannopyranose-(1-3)-[alpha-D-mannopyranose-(1-6)]beta-D-mannopyranose-(1-4)-2-acetamido-2-deoxy-beta-D-glucopyranose-(1-4)-2-acetamido-2-deoxy-beta-D-glucopyranose
4 non-polymer 'ZINC ION'
5 non-polymer 2-acetamido-2-deoxy-beta-D-glucopyranose
6 water water
#
loop_
_entity_poly.entity_id
_entity_poly.type
_entity_poly.pdbx_seq_one_letter_code
_entity_poly.pdbx_strand_id
1 'polypeptide(L)'
;LVKEEIQAKEYLENLNKELAKRTNVETEAAWAYGSNITDENEKKKNEISAELAKFMKEVASDTTKFQWRSYQSEDLKRQF
KALTKLGYAALPEDDYAELLDTLSAMESNFAKVKVCDYKDSTKCDLALDPEIEEVISKSRDHEELAYYWREFYDKAGTAV
RSQFERYVELNTKAAKLNNFTSGAEAWLDEYEDDTFEQQLEDIFADIRPLYQQIHGYVRFRLRKHYGDAVVSETGPIPMH
LLGNMWAQQWSEIADIVSPFPEKPLVDVSAEMEKQGYTPLKMFQMGDDFFTSMNLTKLPQDFWDKSIIEKPTDGRDLVCH
ASAWDFYLIDDVRIKQCTRVTQDQLFTVHHELGHIQYFLQYQHQPFVYRTGANPGFHEAVGDVLSLSVSTPKHLEKIGLL
KDYVRDDEARINQLFLTALDKIVFLPFAFTMDKYRWSLFRGEVDKANWNCAFWKLRDEYSGIEPPVVRSEKDFDAPAKYH
ISADVEYLRYLVSFIIQFQFYKSACIKAGQYDPDNVELPLDNCDIYGSAAAGAAFHNMLSMGASKPWPDALEAFNGERIM
SGKAIAEYFEPLRVWLEAENIKNNVHIGWTTSNKCVS
;
A
2 'polypeptide(L)' YW B,D
#
loop_
_chem_comp.id
_chem_comp.type
_chem_comp.name
_chem_comp.formula
BMA D-saccharide, beta linking beta-D-mannopyranose 'C6 H12 O6'
MAN D-saccharide, alpha linking alpha-D-mannopyranose 'C6 H12 O6'
NAG D-saccharide, beta linking 2-acetamido-2-deoxy-beta-D-glucopyranose 'C8 H15 N O6'
ZN non-polymer 'ZINC ION' 'Zn 2'
#
# COMPACT_ATOMS: atom_id res chain seq x y z
N LEU A 1 -37.80 5.02 24.68
CA LEU A 1 -36.79 5.56 23.70
C LEU A 1 -35.53 6.12 24.38
N VAL A 2 -35.72 6.87 25.46
CA VAL A 2 -34.66 7.19 26.38
C VAL A 2 -34.21 5.95 27.17
N LYS A 3 -35.15 5.28 27.80
CA LYS A 3 -34.93 3.97 28.36
C LYS A 3 -34.17 3.15 27.32
N GLU A 4 -34.63 3.16 26.05
CA GLU A 4 -34.10 2.23 25.02
C GLU A 4 -32.64 2.56 24.67
N GLU A 5 -32.31 3.85 24.54
CA GLU A 5 -30.96 4.27 24.20
C GLU A 5 -29.97 3.88 25.32
N ILE A 6 -30.41 3.98 26.58
CA ILE A 6 -29.63 3.47 27.70
C ILE A 6 -29.39 1.97 27.58
N GLN A 7 -30.38 1.12 27.26
CA GLN A 7 -30.05 -0.28 27.17
C GLN A 7 -29.13 -0.51 25.98
N ALA A 8 -29.31 0.30 24.92
CA ALA A 8 -28.54 0.06 23.71
C ALA A 8 -27.05 0.22 23.98
N LYS A 9 -26.72 1.28 24.73
CA LYS A 9 -25.35 1.53 25.10
C LYS A 9 -24.76 0.33 25.82
N GLU A 10 -25.52 -0.33 26.69
CA GLU A 10 -25.06 -1.52 27.38
C GLU A 10 -24.94 -2.65 26.34
N TYR A 11 -25.93 -2.79 25.45
CA TYR A 11 -25.83 -3.81 24.41
C TYR A 11 -24.54 -3.65 23.61
N LEU A 12 -24.09 -2.41 23.32
CA LEU A 12 -22.96 -2.18 22.41
C LEU A 12 -21.67 -2.51 23.16
N GLU A 13 -21.62 -1.97 24.40
CA GLU A 13 -20.49 -2.11 25.30
C GLU A 13 -20.11 -3.58 25.28
N ASN A 14 -21.11 -4.42 25.46
CA ASN A 14 -20.92 -5.86 25.58
C ASN A 14 -20.66 -6.57 24.24
N LEU A 15 -21.36 -6.20 23.17
CA LEU A 15 -21.21 -6.85 21.89
C LEU A 15 -19.87 -6.49 21.28
N ASN A 16 -19.47 -5.22 21.45
CA ASN A 16 -18.12 -4.87 21.03
C ASN A 16 -17.07 -5.80 21.63
N LYS A 17 -17.07 -6.01 22.95
CA LYS A 17 -16.11 -6.92 23.58
C LYS A 17 -16.19 -8.32 22.96
N GLU A 18 -17.38 -8.76 22.62
CA GLU A 18 -17.50 -10.08 22.05
C GLU A 18 -16.95 -10.19 20.62
N LEU A 19 -17.15 -9.15 19.82
CA LEU A 19 -16.62 -9.21 18.45
C LEU A 19 -15.10 -9.17 18.49
N ALA A 20 -14.52 -8.34 19.36
CA ALA A 20 -13.05 -8.40 19.52
C ALA A 20 -12.59 -9.84 19.73
N LYS A 21 -13.25 -10.53 20.64
CA LYS A 21 -12.80 -11.84 21.00
C LYS A 21 -12.99 -12.84 19.87
N ARG A 22 -14.18 -12.87 19.25
CA ARG A 22 -14.38 -13.73 18.10
C ARG A 22 -13.44 -13.38 16.95
N THR A 23 -13.08 -12.13 16.81
CA THR A 23 -12.23 -11.72 15.70
C THR A 23 -10.81 -12.21 15.96
N ASN A 24 -10.40 -12.07 17.22
CA ASN A 24 -9.13 -12.61 17.73
C ASN A 24 -8.92 -14.03 17.24
N VAL A 25 -9.97 -14.83 17.32
CA VAL A 25 -9.81 -16.20 16.96
C VAL A 25 -9.67 -16.35 15.45
N GLU A 26 -10.41 -15.51 14.70
CA GLU A 26 -10.34 -15.61 13.24
C GLU A 26 -8.95 -15.11 12.78
N THR A 27 -8.43 -14.06 13.43
CA THR A 27 -7.13 -13.47 13.14
C THR A 27 -6.03 -14.49 13.37
N GLU A 28 -6.12 -15.30 14.44
CA GLU A 28 -5.09 -16.29 14.76
C GLU A 28 -5.07 -17.34 13.68
N ALA A 29 -6.24 -17.71 13.21
CA ALA A 29 -6.25 -18.75 12.20
C ALA A 29 -5.69 -18.22 10.86
N ALA A 30 -5.96 -16.96 10.53
CA ALA A 30 -5.52 -16.32 9.28
C ALA A 30 -4.01 -16.15 9.34
N TRP A 31 -3.57 -15.82 10.55
CA TRP A 31 -2.14 -15.66 10.80
C TRP A 31 -1.42 -16.98 10.56
N ALA A 32 -2.03 -18.10 10.98
CA ALA A 32 -1.37 -19.37 10.91
C ALA A 32 -1.21 -19.82 9.48
N TYR A 33 -2.22 -19.49 8.66
CA TYR A 33 -2.23 -19.89 7.26
C TYR A 33 -1.24 -19.01 6.50
N GLY A 34 -1.24 -17.71 6.79
CA GLY A 34 -0.43 -16.77 6.07
C GLY A 34 1.03 -17.00 6.39
N SER A 35 1.32 -17.58 7.53
CA SER A 35 2.71 -17.81 7.89
C SER A 35 3.11 -19.25 7.61
N ASN A 36 2.20 -20.07 7.05
CA ASN A 36 2.42 -21.49 6.84
C ASN A 36 1.29 -22.06 6.02
N ILE A 37 1.39 -21.93 4.70
CA ILE A 37 0.26 -22.28 3.86
C ILE A 37 0.18 -23.80 3.73
N THR A 38 -0.92 -24.40 4.20
CA THR A 38 -1.22 -25.81 4.08
C THR A 38 -2.71 -25.95 3.83
N ASP A 39 -3.13 -27.07 3.22
CA ASP A 39 -4.55 -27.42 3.14
C ASP A 39 -5.25 -27.40 4.50
N GLU A 40 -4.58 -27.85 5.54
CA GLU A 40 -5.23 -27.92 6.83
C GLU A 40 -5.45 -26.53 7.41
N ASN A 41 -4.47 -25.63 7.28
CA ASN A 41 -4.64 -24.32 7.85
C ASN A 41 -5.64 -23.48 7.04
N GLU A 42 -5.74 -23.78 5.73
CA GLU A 42 -6.71 -23.18 4.83
C GLU A 42 -8.12 -23.49 5.35
N LYS A 43 -8.40 -24.81 5.53
CA LYS A 43 -9.66 -25.30 6.03
C LYS A 43 -10.01 -24.62 7.35
N LYS A 44 -9.07 -24.51 8.29
CA LYS A 44 -9.31 -23.91 9.57
C LYS A 44 -9.66 -22.43 9.45
N LYS A 45 -8.89 -21.65 8.66
CA LYS A 45 -9.11 -20.20 8.58
C LYS A 45 -10.52 -19.96 8.05
N ASN A 46 -10.83 -20.73 7.00
CA ASN A 46 -12.08 -20.54 6.27
C ASN A 46 -13.28 -21.00 7.09
N GLU A 47 -13.14 -22.02 7.94
CA GLU A 47 -14.23 -22.45 8.81
C GLU A 47 -14.48 -21.46 9.92
N ILE A 48 -13.42 -20.94 10.57
CA ILE A 48 -13.64 -19.96 11.61
C ILE A 48 -14.30 -18.71 10.99
N SER A 49 -13.94 -18.33 9.76
CA SER A 49 -14.52 -17.16 9.13
C SER A 49 -16.00 -17.35 8.88
N ALA A 50 -16.32 -18.48 8.25
CA ALA A 50 -17.70 -18.92 8.09
C ALA A 50 -18.54 -18.76 9.36
N GLU A 51 -17.91 -19.01 10.51
CA GLU A 51 -18.66 -18.98 11.74
C GLU A 51 -18.79 -17.55 12.19
N LEU A 52 -17.73 -16.78 12.02
CA LEU A 52 -17.80 -15.39 12.41
C LEU A 52 -18.79 -14.72 11.49
N ALA A 53 -18.82 -15.12 10.21
CA ALA A 53 -19.80 -14.49 9.32
C ALA A 53 -21.23 -14.76 9.80
N LYS A 54 -21.49 -16.02 10.19
CA LYS A 54 -22.82 -16.34 10.65
C LYS A 54 -23.24 -15.47 11.81
N PHE A 55 -22.32 -15.20 12.75
CA PHE A 55 -22.69 -14.44 13.94
C PHE A 55 -22.93 -12.97 13.61
N MET A 56 -22.11 -12.41 12.72
CA MET A 56 -22.25 -11.06 12.19
C MET A 56 -23.66 -10.88 11.59
N LYS A 57 -24.14 -11.90 10.86
CA LYS A 57 -25.47 -11.87 10.27
C LYS A 57 -26.50 -11.70 11.36
N GLU A 58 -26.40 -12.45 12.48
CA GLU A 58 -27.35 -12.28 13.58
C GLU A 58 -27.23 -10.91 14.22
N VAL A 59 -26.04 -10.39 14.28
CA VAL A 59 -25.89 -9.11 14.90
C VAL A 59 -26.61 -8.09 14.03
N ALA A 60 -26.43 -8.15 12.70
CA ALA A 60 -27.03 -7.20 11.79
C ALA A 60 -28.55 -7.20 11.95
N SER A 61 -29.09 -8.40 11.97
CA SER A 61 -30.48 -8.64 12.25
C SER A 61 -30.84 -8.06 13.62
N ASP A 62 -30.15 -8.37 14.70
CA ASP A 62 -30.57 -7.75 15.95
C ASP A 62 -30.42 -6.22 15.98
N THR A 63 -29.69 -5.61 15.03
CA THR A 63 -29.68 -4.15 15.05
C THR A 63 -31.11 -3.62 14.83
N THR A 64 -31.99 -4.39 14.16
CA THR A 64 -33.26 -3.86 13.72
C THR A 64 -34.21 -3.86 14.92
N LYS A 65 -33.84 -4.46 16.04
CA LYS A 65 -34.67 -4.37 17.22
C LYS A 65 -34.44 -3.06 17.95
N PHE A 66 -33.55 -2.19 17.48
CA PHE A 66 -33.32 -0.95 18.21
C PHE A 66 -33.64 0.20 17.27
N GLN A 67 -34.31 1.24 17.79
CA GLN A 67 -34.58 2.47 17.04
C GLN A 67 -33.37 3.36 16.93
N TRP A 68 -32.26 2.80 16.42
CA TRP A 68 -30.99 3.51 16.61
C TRP A 68 -30.96 4.82 15.83
N ARG A 69 -31.66 4.85 14.68
CA ARG A 69 -31.64 6.05 13.85
C ARG A 69 -32.39 7.14 14.59
N SER A 70 -33.18 6.74 15.61
CA SER A 70 -33.90 7.75 16.41
C SER A 70 -33.13 8.28 17.61
N TYR A 71 -31.90 7.83 17.84
CA TYR A 71 -31.25 8.16 19.09
C TYR A 71 -30.59 9.52 19.04
N GLN A 72 -30.30 10.01 20.24
CA GLN A 72 -29.71 11.31 20.51
C GLN A 72 -28.20 11.30 20.27
N SER A 73 -27.52 10.18 20.62
CA SER A 73 -26.08 10.14 20.67
C SER A 73 -25.52 9.81 19.28
N GLU A 74 -24.75 10.73 18.74
CA GLU A 74 -24.09 10.50 17.44
C GLU A 74 -23.23 9.23 17.48
N ASP A 75 -22.60 9.01 18.65
CA ASP A 75 -21.64 7.96 18.87
C ASP A 75 -22.36 6.63 18.84
N LEU A 76 -23.49 6.55 19.54
CA LEU A 76 -24.18 5.26 19.47
C LEU A 76 -24.70 5.03 18.07
N LYS A 77 -25.16 6.08 17.40
CA LYS A 77 -25.65 5.84 16.04
C LYS A 77 -24.51 5.38 15.14
N ARG A 78 -23.31 5.94 15.37
CA ARG A 78 -22.22 5.54 14.51
C ARG A 78 -21.84 4.06 14.70
N GLN A 79 -21.85 3.57 15.94
CA GLN A 79 -21.50 2.17 16.18
C GLN A 79 -22.52 1.23 15.57
N PHE A 80 -23.79 1.61 15.68
CA PHE A 80 -24.84 0.77 15.10
C PHE A 80 -24.73 0.73 13.57
N LYS A 81 -24.49 1.90 12.99
CA LYS A 81 -24.29 1.97 11.56
C LYS A 81 -23.22 0.94 11.20
N ALA A 82 -22.11 1.00 11.92
CA ALA A 82 -20.98 0.15 11.61
C ALA A 82 -21.33 -1.34 11.73
N LEU A 83 -22.17 -1.74 12.67
CA LEU A 83 -22.64 -3.13 12.79
C LEU A 83 -23.61 -3.58 11.68
N THR A 84 -24.18 -2.64 10.94
CA THR A 84 -25.10 -3.02 9.89
C THR A 84 -24.32 -3.44 8.65
N LYS A 85 -23.01 -3.15 8.59
CA LYS A 85 -22.23 -3.30 7.36
C LYS A 85 -21.59 -4.67 7.34
N LEU A 86 -22.23 -5.64 6.71
CA LEU A 86 -21.77 -7.01 6.82
C LEU A 86 -20.71 -7.38 5.81
N GLY A 87 -20.65 -6.64 4.69
CA GLY A 87 -19.72 -7.06 3.66
C GLY A 87 -20.00 -8.47 3.14
N TYR A 88 -18.96 -9.26 2.93
CA TYR A 88 -19.21 -10.59 2.39
C TYR A 88 -20.11 -11.46 3.26
N ALA A 89 -20.24 -11.11 4.55
CA ALA A 89 -20.95 -11.89 5.54
C ALA A 89 -22.45 -11.89 5.27
N ALA A 90 -22.88 -11.02 4.35
CA ALA A 90 -24.26 -10.94 3.95
C ALA A 90 -24.63 -12.09 3.02
N LEU A 91 -23.63 -12.69 2.39
CA LEU A 91 -23.88 -13.78 1.47
C LEU A 91 -24.53 -15.00 2.16
N PRO A 92 -25.38 -15.75 1.42
CA PRO A 92 -25.76 -17.06 1.86
C PRO A 92 -24.55 -17.88 2.25
N GLU A 93 -24.76 -18.77 3.23
CA GLU A 93 -23.73 -19.57 3.85
C GLU A 93 -22.87 -20.26 2.78
N ASP A 94 -23.51 -20.90 1.82
CA ASP A 94 -22.81 -21.65 0.78
C ASP A 94 -21.98 -20.72 -0.13
N ASP A 95 -22.52 -19.56 -0.43
CA ASP A 95 -21.85 -18.60 -1.30
C ASP A 95 -20.67 -18.01 -0.60
N TYR A 96 -20.81 -17.77 0.72
CA TYR A 96 -19.71 -17.30 1.55
C TYR A 96 -18.55 -18.31 1.53
N ALA A 97 -18.87 -19.60 1.68
CA ALA A 97 -17.81 -20.59 1.78
C ALA A 97 -17.08 -20.70 0.43
N GLU A 98 -17.83 -20.55 -0.65
CA GLU A 98 -17.29 -20.65 -1.98
C GLU A 98 -16.34 -19.46 -2.24
N LEU A 99 -16.80 -18.31 -1.74
CA LEU A 99 -16.03 -17.11 -1.87
C LEU A 99 -14.71 -17.26 -1.11
N LEU A 100 -14.74 -17.81 0.11
CA LEU A 100 -13.49 -17.97 0.84
C LEU A 100 -12.57 -18.95 0.12
N ASP A 101 -13.13 -20.03 -0.41
CA ASP A 101 -12.29 -20.98 -1.13
C ASP A 101 -11.70 -20.33 -2.36
N THR A 102 -12.50 -19.48 -3.05
CA THR A 102 -11.95 -18.76 -4.20
C THR A 102 -10.78 -17.85 -3.78
N LEU A 103 -10.94 -17.07 -2.69
CA LEU A 103 -9.92 -16.15 -2.23
C LEU A 103 -8.65 -16.89 -1.80
N SER A 104 -8.82 -18.04 -1.12
CA SER A 104 -7.69 -18.88 -0.74
C SER A 104 -6.95 -19.36 -1.98
N ALA A 105 -7.70 -19.89 -2.93
CA ALA A 105 -7.06 -20.38 -4.16
C ALA A 105 -6.13 -19.32 -4.78
N MET A 106 -6.58 -18.07 -4.87
CA MET A 106 -5.81 -17.04 -5.54
C MET A 106 -4.61 -16.68 -4.70
N GLU A 107 -4.81 -16.55 -3.39
CA GLU A 107 -3.74 -15.97 -2.62
C GLU A 107 -2.62 -16.99 -2.47
N SER A 108 -3.02 -18.24 -2.35
CA SER A 108 -2.11 -19.36 -2.23
C SER A 108 -1.39 -19.61 -3.57
N ASN A 109 -2.08 -19.49 -4.70
CA ASN A 109 -1.42 -19.52 -6.01
C ASN A 109 -0.35 -18.45 -6.02
N PHE A 110 -0.72 -17.22 -5.70
CA PHE A 110 0.30 -16.17 -5.78
C PHE A 110 1.53 -16.54 -4.95
N ALA A 111 1.31 -17.05 -3.71
CA ALA A 111 2.37 -17.24 -2.74
C ALA A 111 3.21 -18.44 -3.14
N LYS A 112 2.65 -19.41 -3.85
CA LYS A 112 3.48 -20.53 -4.21
C LYS A 112 4.14 -20.43 -5.57
N VAL A 113 4.11 -19.29 -6.26
CA VAL A 113 4.71 -19.22 -7.58
C VAL A 113 6.20 -19.50 -7.46
N LYS A 114 6.73 -20.38 -8.33
CA LYS A 114 8.18 -20.44 -8.49
C LYS A 114 8.53 -20.57 -9.96
N VAL A 115 9.73 -20.12 -10.37
CA VAL A 115 10.14 -20.10 -11.77
C VAL A 115 11.56 -20.70 -11.92
N CYS A 116 11.90 -21.01 -13.16
CA CYS A 116 13.20 -21.53 -13.52
C CYS A 116 14.19 -20.40 -13.73
N ASP A 117 15.41 -20.63 -13.22
CA ASP A 117 16.53 -19.72 -13.45
C ASP A 117 16.72 -19.55 -14.95
N TYR A 118 16.86 -18.29 -15.39
CA TYR A 118 17.02 -17.96 -16.80
C TYR A 118 18.22 -18.70 -17.40
N LYS A 119 19.29 -18.76 -16.60
CA LYS A 119 20.57 -19.38 -16.89
C LYS A 119 20.61 -20.86 -16.55
N ASP A 120 19.51 -21.47 -16.08
CA ASP A 120 19.57 -22.85 -15.63
C ASP A 120 18.19 -23.42 -15.40
N SER A 121 17.63 -24.03 -16.44
CA SER A 121 16.25 -24.51 -16.40
C SER A 121 16.07 -25.78 -15.53
N THR A 122 17.13 -26.22 -14.86
CA THR A 122 16.96 -27.24 -13.84
C THR A 122 16.69 -26.58 -12.48
N LYS A 123 17.30 -25.44 -12.15
CA LYS A 123 17.00 -24.77 -10.91
C LYS A 123 15.63 -24.03 -11.01
N CYS A 124 14.59 -24.59 -10.34
CA CYS A 124 13.20 -24.19 -10.50
C CYS A 124 12.50 -23.84 -9.18
N ASP A 125 13.20 -23.17 -8.27
CA ASP A 125 12.69 -22.89 -6.96
C ASP A 125 12.93 -21.40 -6.67
N LEU A 126 12.87 -20.59 -7.73
CA LEU A 126 13.04 -19.16 -7.55
C LEU A 126 11.67 -18.57 -7.23
N ALA A 127 11.61 -17.83 -6.13
CA ALA A 127 10.36 -17.21 -5.75
C ALA A 127 10.43 -15.70 -6.00
N LEU A 128 9.26 -15.09 -6.12
CA LEU A 128 9.27 -13.63 -6.20
C LEU A 128 10.14 -13.01 -5.12
N ASP A 129 9.83 -13.33 -3.84
CA ASP A 129 10.51 -12.86 -2.68
C ASP A 129 11.37 -13.99 -2.12
N PRO A 130 12.70 -13.90 -2.22
CA PRO A 130 13.42 -12.74 -2.77
C PRO A 130 14.04 -12.82 -4.17
N GLU A 131 14.02 -13.99 -4.80
CA GLU A 131 14.90 -14.25 -5.96
C GLU A 131 14.54 -13.43 -7.20
N ILE A 132 13.26 -13.43 -7.61
CA ILE A 132 12.88 -12.77 -8.84
C ILE A 132 12.92 -11.26 -8.67
N GLU A 133 12.51 -10.82 -7.51
CA GLU A 133 12.56 -9.40 -7.23
C GLU A 133 13.98 -8.85 -7.27
N GLU A 134 14.94 -9.70 -6.91
CA GLU A 134 16.33 -9.23 -6.87
C GLU A 134 16.84 -9.02 -8.30
N VAL A 135 16.49 -9.92 -9.19
CA VAL A 135 16.83 -9.77 -10.59
C VAL A 135 16.16 -8.55 -11.18
N ILE A 136 14.85 -8.42 -11.04
CA ILE A 136 14.15 -7.25 -11.57
C ILE A 136 14.74 -5.92 -11.04
N SER A 137 15.33 -5.92 -9.85
CA SER A 137 15.74 -4.63 -9.30
C SER A 137 17.20 -4.32 -9.66
N LYS A 138 17.93 -5.34 -10.03
CA LYS A 138 19.38 -5.26 -10.23
C LYS A 138 19.87 -5.55 -11.66
N SER A 139 19.26 -6.48 -12.39
CA SER A 139 19.70 -6.78 -13.75
C SER A 139 19.39 -5.62 -14.70
N ARG A 140 20.34 -5.39 -15.59
CA ARG A 140 20.19 -4.41 -16.68
C ARG A 140 20.37 -5.14 -18.02
N ASP A 141 20.04 -6.44 -18.01
CA ASP A 141 19.96 -7.26 -19.19
C ASP A 141 18.48 -7.37 -19.58
N HIS A 142 18.09 -6.62 -20.62
CA HIS A 142 16.68 -6.50 -20.95
C HIS A 142 16.05 -7.86 -21.27
N GLU A 143 16.86 -8.81 -21.78
CA GLU A 143 16.27 -10.07 -22.17
C GLU A 143 15.98 -10.93 -20.94
N GLU A 144 16.84 -10.85 -19.94
CA GLU A 144 16.65 -11.58 -18.70
C GLU A 144 15.43 -11.02 -17.98
N LEU A 145 15.39 -9.69 -17.90
CA LEU A 145 14.24 -8.95 -17.39
C LEU A 145 12.93 -9.41 -17.99
N ALA A 146 12.87 -9.49 -19.31
CA ALA A 146 11.68 -9.89 -20.04
C ALA A 146 11.29 -11.33 -19.68
N TYR A 147 12.30 -12.18 -19.56
CA TYR A 147 12.08 -13.60 -19.28
C TYR A 147 11.37 -13.76 -17.92
N TYR A 148 11.90 -13.09 -16.88
CA TYR A 148 11.35 -13.23 -15.53
C TYR A 148 9.97 -12.61 -15.53
N TRP A 149 9.77 -11.53 -16.25
CA TRP A 149 8.46 -10.87 -16.31
C TRP A 149 7.45 -11.88 -16.85
N ARG A 150 7.73 -12.54 -17.96
CA ARG A 150 6.74 -13.43 -18.57
C ARG A 150 6.42 -14.60 -17.65
N GLU A 151 7.45 -15.14 -17.00
CA GLU A 151 7.36 -16.36 -16.21
C GLU A 151 6.48 -16.05 -15.01
N PHE A 152 6.77 -14.90 -14.37
CA PHE A 152 5.99 -14.44 -13.23
C PHE A 152 4.52 -14.21 -13.60
N TYR A 153 4.26 -13.48 -14.67
CA TYR A 153 2.92 -12.98 -14.93
C TYR A 153 2.10 -14.15 -15.39
N ASP A 154 2.74 -15.07 -16.11
CA ASP A 154 2.00 -16.23 -16.62
C ASP A 154 1.50 -17.08 -15.46
N LYS A 155 2.25 -17.18 -14.35
CA LYS A 155 1.92 -18.11 -13.28
C LYS A 155 1.11 -17.48 -12.17
N ALA A 156 1.41 -16.23 -11.89
CA ALA A 156 0.70 -15.49 -10.87
C ALA A 156 -0.60 -14.86 -11.38
N GLY A 157 -0.63 -14.51 -12.66
CA GLY A 157 -1.79 -13.94 -13.28
C GLY A 157 -2.70 -14.96 -13.97
N THR A 158 -2.31 -15.37 -15.16
CA THR A 158 -3.21 -16.10 -16.02
C THR A 158 -3.78 -17.36 -15.35
N ALA A 159 -3.03 -17.97 -14.39
CA ALA A 159 -3.39 -19.25 -13.82
C ALA A 159 -4.64 -19.19 -12.97
N VAL A 160 -5.09 -17.98 -12.60
CA VAL A 160 -6.20 -17.79 -11.69
C VAL A 160 -7.32 -17.00 -12.34
N ARG A 161 -7.37 -16.98 -13.69
CA ARG A 161 -8.47 -16.28 -14.36
C ARG A 161 -9.85 -16.76 -13.89
N SER A 162 -10.10 -18.07 -13.99
CA SER A 162 -11.43 -18.60 -13.66
C SER A 162 -11.80 -18.33 -12.21
N GLN A 163 -10.83 -18.34 -11.29
CA GLN A 163 -11.05 -17.99 -9.88
C GLN A 163 -11.37 -16.52 -9.73
N PHE A 164 -10.67 -15.68 -10.48
CA PHE A 164 -10.87 -14.25 -10.33
C PHE A 164 -12.29 -13.89 -10.78
N GLU A 165 -12.71 -14.54 -11.84
CA GLU A 165 -14.03 -14.31 -12.37
C GLU A 165 -15.12 -14.69 -11.40
N ARG A 166 -14.99 -15.85 -10.74
CA ARG A 166 -16.01 -16.19 -9.78
C ARG A 166 -16.00 -15.23 -8.59
N TYR A 167 -14.82 -14.78 -8.19
CA TYR A 167 -14.69 -13.76 -7.14
C TYR A 167 -15.42 -12.46 -7.49
N VAL A 168 -15.33 -11.98 -8.73
CA VAL A 168 -16.02 -10.73 -9.12
C VAL A 168 -17.53 -10.90 -8.98
N GLU A 169 -18.04 -12.07 -9.40
CA GLU A 169 -19.46 -12.38 -9.27
C GLU A 169 -19.89 -12.48 -7.82
N LEU A 170 -19.09 -13.13 -7.00
CA LEU A 170 -19.49 -13.18 -5.61
C LEU A 170 -19.31 -11.87 -4.90
N ASN A 171 -18.33 -11.07 -5.28
CA ASN A 171 -18.09 -9.80 -4.64
C ASN A 171 -19.28 -8.91 -4.95
N THR A 172 -19.74 -8.99 -6.21
CA THR A 172 -20.82 -8.16 -6.72
C THR A 172 -22.14 -8.52 -6.03
N LYS A 173 -22.37 -9.80 -5.83
CA LYS A 173 -23.57 -10.25 -5.15
C LYS A 173 -23.56 -9.84 -3.68
N ALA A 174 -22.39 -9.93 -3.07
CA ALA A 174 -22.29 -9.48 -1.69
C ALA A 174 -22.62 -7.99 -1.57
N ALA A 175 -22.07 -7.16 -2.47
CA ALA A 175 -22.30 -5.74 -2.42
C ALA A 175 -23.78 -5.48 -2.59
N LYS A 176 -24.43 -6.19 -3.51
CA LYS A 176 -25.85 -5.90 -3.77
C LYS A 176 -26.69 -6.29 -2.57
N LEU A 177 -26.30 -7.37 -1.86
CA LEU A 177 -27.02 -7.75 -0.65
C LEU A 177 -26.92 -6.68 0.43
N ASN A 178 -25.86 -5.87 0.39
CA ASN A 178 -25.69 -4.72 1.30
C ASN A 178 -26.27 -3.45 0.69
N ASN A 179 -26.88 -3.61 -0.50
CA ASN A 179 -27.60 -2.57 -1.22
C ASN A 179 -26.65 -1.47 -1.72
N PHE A 180 -25.37 -1.79 -1.97
CA PHE A 180 -24.50 -1.00 -2.80
C PHE A 180 -24.71 -1.44 -4.23
N THR A 181 -24.36 -0.60 -5.20
CA THR A 181 -24.43 -1.00 -6.59
C THR A 181 -23.47 -2.14 -6.91
N SER A 182 -22.24 -2.06 -6.38
CA SER A 182 -21.20 -3.01 -6.70
C SER A 182 -20.15 -2.96 -5.58
N GLY A 183 -19.09 -3.74 -5.75
CA GLY A 183 -17.97 -3.75 -4.85
C GLY A 183 -17.23 -2.41 -4.77
N ALA A 184 -17.33 -1.62 -5.82
CA ALA A 184 -16.67 -0.33 -5.91
C ALA A 184 -17.29 0.64 -4.90
N GLU A 185 -18.59 0.60 -4.80
CA GLU A 185 -19.29 1.47 -3.87
C GLU A 185 -19.12 0.93 -2.45
N ALA A 186 -19.07 -0.39 -2.28
CA ALA A 186 -18.76 -0.96 -0.98
C ALA A 186 -17.37 -0.51 -0.50
N TRP A 187 -16.37 -0.51 -1.35
CA TRP A 187 -15.06 0.00 -0.90
C TRP A 187 -15.05 1.49 -0.58
N LEU A 188 -15.78 2.24 -1.43
CA LEU A 188 -15.77 3.67 -1.38
C LEU A 188 -16.50 4.15 -0.13
N ASP A 189 -17.45 3.37 0.35
CA ASP A 189 -18.16 3.71 1.55
C ASP A 189 -17.23 3.96 2.75
N GLU A 190 -16.10 3.26 2.81
CA GLU A 190 -15.11 3.47 3.84
C GLU A 190 -14.57 4.91 3.92
N TYR A 191 -14.72 5.72 2.84
CA TYR A 191 -14.15 7.07 2.85
C TYR A 191 -15.21 8.06 3.29
N GLU A 192 -16.46 7.61 3.45
CA GLU A 192 -17.57 8.41 4.01
C GLU A 192 -17.75 9.75 3.27
N ASP A 193 -17.77 9.75 1.93
CA ASP A 193 -17.76 11.02 1.21
C ASP A 193 -18.17 10.76 -0.22
N ASP A 194 -19.39 11.21 -0.55
CA ASP A 194 -20.01 10.97 -1.86
C ASP A 194 -19.18 11.54 -3.02
N THR A 195 -18.39 12.58 -2.81
CA THR A 195 -17.61 13.15 -3.91
C THR A 195 -16.17 12.67 -3.89
N PHE A 196 -15.89 11.53 -3.23
CA PHE A 196 -14.52 11.14 -3.00
C PHE A 196 -13.84 10.85 -4.32
N GLU A 197 -14.55 10.18 -5.21
CA GLU A 197 -13.88 9.77 -6.45
C GLU A 197 -13.46 10.99 -7.24
N GLN A 198 -14.37 11.97 -7.28
CA GLN A 198 -14.16 13.20 -8.03
C GLN A 198 -12.95 13.94 -7.47
N GLN A 199 -12.86 13.96 -6.14
CA GLN A 199 -11.81 14.63 -5.40
C GLN A 199 -10.45 14.10 -5.82
N LEU A 200 -10.35 12.77 -6.00
CA LEU A 200 -9.07 12.17 -6.36
C LEU A 200 -8.80 12.45 -7.82
N GLU A 201 -9.84 12.49 -8.68
CA GLU A 201 -9.68 12.84 -10.08
C GLU A 201 -9.06 14.23 -10.19
N ASP A 202 -9.53 15.14 -9.34
CA ASP A 202 -9.07 16.53 -9.35
C ASP A 202 -7.60 16.62 -8.93
N ILE A 203 -7.29 15.96 -7.80
CA ILE A 203 -5.91 15.90 -7.34
C ILE A 203 -5.03 15.21 -8.36
N PHE A 204 -5.49 14.09 -8.92
CA PHE A 204 -4.65 13.40 -9.87
C PHE A 204 -4.37 14.31 -11.08
N ALA A 205 -5.37 15.03 -11.58
CA ALA A 205 -5.12 15.78 -12.80
C ALA A 205 -4.13 16.93 -12.54
N ASP A 206 -4.07 17.42 -11.30
CA ASP A 206 -3.11 18.48 -10.97
C ASP A 206 -1.66 18.00 -10.89
N ILE A 207 -1.40 16.71 -10.58
CA ILE A 207 -0.04 16.19 -10.47
C ILE A 207 0.41 15.47 -11.75
N ARG A 208 -0.56 15.06 -12.59
CA ARG A 208 -0.25 14.34 -13.82
C ARG A 208 0.85 15.04 -14.63
N PRO A 209 0.87 16.38 -14.76
CA PRO A 209 1.87 17.01 -15.61
C PRO A 209 3.26 16.80 -15.10
N LEU A 210 3.41 16.87 -13.78
CA LEU A 210 4.70 16.49 -13.19
C LEU A 210 5.08 15.03 -13.50
N TYR A 211 4.12 14.10 -13.44
CA TYR A 211 4.37 12.70 -13.75
C TYR A 211 4.84 12.55 -15.19
N GLN A 212 4.19 13.25 -16.07
CA GLN A 212 4.56 13.14 -17.48
C GLN A 212 5.96 13.67 -17.73
N GLN A 213 6.39 14.71 -16.97
CA GLN A 213 7.75 15.19 -17.13
C GLN A 213 8.77 14.12 -16.68
N ILE A 214 8.46 13.47 -15.55
CA ILE A 214 9.33 12.48 -14.95
C ILE A 214 9.40 11.32 -15.93
N HIS A 215 8.23 10.88 -16.38
CA HIS A 215 8.14 9.81 -17.36
C HIS A 215 9.04 10.13 -18.56
N GLY A 216 8.84 11.34 -19.12
CA GLY A 216 9.61 11.73 -20.30
C GLY A 216 11.12 11.68 -20.12
N TYR A 217 11.60 12.18 -18.98
CA TYR A 217 13.01 12.17 -18.67
C TYR A 217 13.55 10.76 -18.42
N VAL A 218 12.74 9.92 -17.74
CA VAL A 218 13.23 8.58 -17.50
C VAL A 218 13.41 7.84 -18.82
N ARG A 219 12.42 8.02 -19.72
CA ARG A 219 12.42 7.38 -21.04
C ARG A 219 13.65 7.80 -21.85
N PHE A 220 13.97 9.09 -21.82
CA PHE A 220 15.20 9.63 -22.38
C PHE A 220 16.45 8.96 -21.82
N ARG A 221 16.52 8.88 -20.48
CA ARG A 221 17.71 8.27 -19.89
C ARG A 221 17.80 6.80 -20.23
N LEU A 222 16.69 6.06 -20.25
CA LEU A 222 16.70 4.63 -20.56
C LEU A 222 17.16 4.35 -22.00
N ARG A 223 16.77 5.21 -22.94
CA ARG A 223 17.27 5.14 -24.32
C ARG A 223 18.77 5.26 -24.38
N LYS A 224 19.41 6.10 -23.59
CA LYS A 224 20.85 6.16 -23.66
C LYS A 224 21.48 4.90 -23.09
N HIS A 225 20.77 4.24 -22.16
CA HIS A 225 21.33 3.04 -21.55
C HIS A 225 21.07 1.84 -22.48
N TYR A 226 19.82 1.63 -22.86
CA TYR A 226 19.51 0.37 -23.54
C TYR A 226 19.62 0.56 -25.07
N GLY A 227 19.55 1.80 -25.54
CA GLY A 227 19.47 2.08 -26.98
C GLY A 227 18.06 1.98 -27.56
N ASP A 228 17.90 2.45 -28.80
CA ASP A 228 16.60 2.81 -29.40
C ASP A 228 15.89 1.60 -29.94
N ALA A 229 16.61 0.50 -30.05
CA ALA A 229 15.96 -0.76 -30.36
C ALA A 229 15.12 -1.26 -29.19
N VAL A 230 15.49 -0.96 -27.93
CA VAL A 230 14.79 -1.47 -26.77
C VAL A 230 13.76 -0.48 -26.26
N VAL A 231 14.07 0.82 -26.32
CA VAL A 231 13.14 1.86 -25.89
C VAL A 231 12.89 2.86 -27.00
N SER A 232 11.64 3.11 -27.36
CA SER A 232 11.37 4.16 -28.35
C SER A 232 11.28 5.52 -27.68
N GLU A 233 11.39 6.60 -28.47
CA GLU A 233 11.19 7.96 -27.96
C GLU A 233 9.72 8.26 -27.71
N THR A 234 8.81 7.73 -28.54
CA THR A 234 7.45 8.26 -28.56
C THR A 234 6.45 7.27 -27.96
N GLY A 235 6.91 6.05 -27.71
CA GLY A 235 6.02 5.03 -27.17
C GLY A 235 6.08 4.88 -25.64
N PRO A 236 5.15 4.08 -25.08
CA PRO A 236 5.19 3.73 -23.68
C PRO A 236 6.49 3.06 -23.32
N ILE A 237 6.91 3.23 -22.08
CA ILE A 237 8.12 2.60 -21.58
C ILE A 237 7.86 1.11 -21.36
N PRO A 238 8.77 0.22 -21.87
CA PRO A 238 8.71 -1.19 -21.54
C PRO A 238 8.95 -1.39 -20.04
N MET A 239 7.98 -2.01 -19.37
CA MET A 239 7.82 -1.91 -17.93
C MET A 239 8.89 -2.71 -17.20
N HIS A 240 9.45 -3.67 -17.92
CA HIS A 240 10.43 -4.55 -17.31
C HIS A 240 11.72 -3.86 -17.03
N LEU A 241 11.95 -2.69 -17.61
CA LEU A 241 13.16 -1.96 -17.36
C LEU A 241 13.07 -1.01 -16.21
N LEU A 242 11.93 -0.92 -15.52
CA LEU A 242 11.76 0.11 -14.49
C LEU A 242 12.06 -0.36 -13.05
N GLY A 243 12.73 -1.51 -12.86
CA GLY A 243 13.27 -1.93 -11.57
C GLY A 243 12.26 -2.57 -10.59
N ASN A 244 11.03 -2.83 -11.08
CA ASN A 244 9.95 -3.36 -10.28
C ASN A 244 9.01 -4.15 -11.20
N MET A 245 8.45 -5.22 -10.66
CA MET A 245 7.74 -6.23 -11.46
C MET A 245 6.41 -5.63 -11.99
N TRP A 246 5.88 -4.62 -11.29
CA TRP A 246 4.63 -3.94 -11.66
C TRP A 246 4.81 -2.47 -12.07
N ALA A 247 6.08 -2.09 -12.15
CA ALA A 247 6.55 -0.73 -12.40
C ALA A 247 5.85 0.27 -11.51
N GLN A 248 5.58 -0.09 -10.26
CA GLN A 248 4.81 0.84 -9.41
C GLN A 248 5.66 1.98 -8.83
N GLN A 249 6.97 1.77 -8.68
CA GLN A 249 7.98 2.70 -8.21
C GLN A 249 9.25 2.34 -8.99
N TRP A 250 10.09 3.33 -9.27
CA TRP A 250 11.18 3.14 -10.24
C TRP A 250 12.55 3.37 -9.58
N SER A 251 12.57 3.46 -8.25
CA SER A 251 13.75 3.97 -7.54
C SER A 251 14.92 3.01 -7.62
N GLU A 252 14.66 1.75 -7.95
CA GLU A 252 15.75 0.81 -8.19
C GLU A 252 16.51 1.14 -9.48
N ILE A 253 15.98 1.97 -10.44
CA ILE A 253 16.83 2.29 -11.58
C ILE A 253 17.41 3.69 -11.40
N ALA A 254 17.42 4.24 -10.18
CA ALA A 254 17.93 5.59 -10.01
C ALA A 254 19.38 5.72 -10.48
N ASP A 255 20.14 4.64 -10.42
CA ASP A 255 21.55 4.80 -10.73
C ASP A 255 21.69 5.06 -12.23
N ILE A 256 20.72 4.73 -13.07
CA ILE A 256 20.93 5.01 -14.48
C ILE A 256 20.13 6.22 -14.93
N VAL A 257 19.27 6.78 -14.09
CA VAL A 257 18.41 7.84 -14.56
C VAL A 257 18.59 9.11 -13.74
N SER A 258 19.57 9.14 -12.82
CA SER A 258 19.68 10.28 -11.90
C SER A 258 20.21 11.50 -12.64
N PRO A 259 19.64 12.66 -12.29
CA PRO A 259 19.98 13.95 -12.89
C PRO A 259 21.47 14.21 -12.95
N PHE A 260 22.18 13.95 -11.87
CA PHE A 260 23.57 14.30 -11.75
C PHE A 260 24.32 13.07 -11.32
N PRO A 261 24.74 12.23 -12.27
CA PRO A 261 25.41 10.97 -11.97
C PRO A 261 26.79 11.08 -11.29
N GLU A 262 27.36 12.27 -11.30
CA GLU A 262 28.67 12.52 -10.71
C GLU A 262 28.51 13.05 -9.30
N LYS A 263 27.28 13.44 -8.95
CA LYS A 263 26.93 13.85 -7.60
C LYS A 263 26.32 12.68 -6.85
N PRO A 264 26.30 12.76 -5.49
CA PRO A 264 25.87 11.61 -4.67
C PRO A 264 24.42 11.20 -4.83
N LEU A 265 24.25 9.88 -4.84
CA LEU A 265 22.92 9.35 -4.82
C LEU A 265 22.80 8.37 -3.64
N VAL A 266 21.78 8.64 -2.80
CA VAL A 266 21.69 7.98 -1.52
C VAL A 266 21.24 6.56 -1.80
N ASP A 267 22.12 5.61 -1.48
CA ASP A 267 21.80 4.20 -1.40
C ASP A 267 22.59 3.55 -0.24
N VAL A 268 21.98 3.41 0.94
CA VAL A 268 22.68 2.93 2.12
C VAL A 268 22.65 1.42 2.33
N SER A 269 22.14 0.68 1.35
CA SER A 269 22.07 -0.75 1.52
C SER A 269 23.45 -1.28 1.90
N ALA A 270 24.48 -0.82 1.21
CA ALA A 270 25.79 -1.48 1.27
C ALA A 270 26.44 -1.24 2.63
N GLU A 271 26.32 0.00 3.12
CA GLU A 271 26.68 0.38 4.48
C GLU A 271 25.86 -0.35 5.57
N MET A 272 24.54 -0.56 5.38
CA MET A 272 23.78 -1.37 6.33
C MET A 272 24.49 -2.73 6.46
N GLU A 273 24.84 -3.36 5.36
CA GLU A 273 25.56 -4.62 5.43
C GLU A 273 26.92 -4.42 6.06
N LYS A 274 27.66 -3.38 5.66
CA LYS A 274 29.02 -3.24 6.16
C LYS A 274 28.95 -3.14 7.68
N GLN A 275 27.95 -2.45 8.24
CA GLN A 275 27.85 -2.33 9.68
C GLN A 275 27.11 -3.48 10.39
N GLY A 276 26.82 -4.60 9.72
CA GLY A 276 26.21 -5.76 10.37
C GLY A 276 24.72 -5.70 10.75
N TYR A 277 23.94 -4.78 10.16
CA TYR A 277 22.51 -4.70 10.36
C TYR A 277 21.87 -6.07 10.17
N THR A 278 20.93 -6.41 11.07
CA THR A 278 19.99 -7.50 10.88
C THR A 278 18.57 -6.91 10.80
N PRO A 279 17.60 -7.76 10.40
CA PRO A 279 16.20 -7.45 10.60
C PRO A 279 15.87 -6.95 12.00
N LEU A 280 16.44 -7.62 13.02
CA LEU A 280 16.09 -7.27 14.39
C LEU A 280 16.52 -5.86 14.69
N LYS A 281 17.77 -5.54 14.31
CA LYS A 281 18.24 -4.15 14.40
C LYS A 281 17.28 -3.21 13.66
N MET A 282 16.87 -3.55 12.45
CA MET A 282 16.03 -2.62 11.68
C MET A 282 14.74 -2.32 12.42
N PHE A 283 14.14 -3.35 12.99
CA PHE A 283 12.87 -3.15 13.71
C PHE A 283 13.11 -2.42 15.03
N GLN A 284 14.28 -2.70 15.66
CA GLN A 284 14.58 -1.97 16.89
C GLN A 284 14.78 -0.51 16.59
N MET A 285 15.37 -0.18 15.43
CA MET A 285 15.50 1.23 15.06
C MET A 285 14.15 1.86 14.76
N GLY A 286 13.27 1.10 14.12
CA GLY A 286 11.94 1.62 13.86
C GLY A 286 11.28 1.92 15.21
N ASP A 287 11.33 0.92 16.11
CA ASP A 287 10.85 1.19 17.49
C ASP A 287 11.40 2.49 18.11
N ASP A 288 12.73 2.66 17.97
CA ASP A 288 13.39 3.83 18.51
C ASP A 288 12.75 5.06 17.90
N PHE A 289 12.55 5.05 16.58
CA PHE A 289 11.97 6.25 15.99
C PHE A 289 10.65 6.63 16.64
N PHE A 290 9.78 5.64 16.82
CA PHE A 290 8.46 5.93 17.38
C PHE A 290 8.62 6.44 18.82
N THR A 291 9.42 5.75 19.65
CA THR A 291 9.54 6.17 21.06
C THR A 291 10.24 7.51 21.15
N SER A 292 11.09 7.85 20.20
CA SER A 292 11.78 9.11 20.20
C SER A 292 10.75 10.24 20.13
N MET A 293 9.60 9.95 19.51
CA MET A 293 8.57 10.99 19.29
C MET A 293 7.60 10.97 20.47
N ASN A 294 7.90 10.22 21.55
CA ASN A 294 7.00 10.12 22.67
C ASN A 294 5.77 9.34 22.21
N LEU A 295 5.91 8.38 21.31
CA LEU A 295 4.81 7.49 21.06
C LEU A 295 5.18 6.19 21.72
N THR A 296 4.36 5.19 21.45
CA THR A 296 4.29 4.03 22.26
C THR A 296 5.29 3.04 21.70
N LYS A 297 5.96 2.39 22.63
CA LYS A 297 6.96 1.38 22.40
C LYS A 297 6.37 0.04 22.04
N LEU A 298 7.06 -0.72 21.21
CA LEU A 298 6.57 -2.04 20.91
C LEU A 298 6.48 -2.86 22.20
N PRO A 299 5.34 -3.51 22.41
CA PRO A 299 5.23 -4.45 23.50
C PRO A 299 5.95 -5.77 23.26
N GLN A 300 6.09 -6.55 24.31
CA GLN A 300 6.82 -7.80 24.25
C GLN A 300 6.22 -8.86 23.34
N ASP A 301 4.88 -8.92 23.20
CA ASP A 301 4.24 -9.89 22.31
C ASP A 301 4.70 -9.76 20.85
N PHE A 302 5.02 -8.53 20.52
CA PHE A 302 5.48 -8.08 19.21
C PHE A 302 6.75 -8.83 18.89
N TRP A 303 7.73 -8.64 19.80
CA TRP A 303 9.03 -9.29 19.70
C TRP A 303 8.88 -10.79 19.81
N ASP A 304 7.96 -11.31 20.64
CA ASP A 304 7.91 -12.76 20.77
C ASP A 304 7.22 -13.41 19.60
N LYS A 305 6.18 -12.76 19.02
CA LYS A 305 5.36 -13.46 18.05
C LYS A 305 5.57 -13.02 16.59
N SER A 306 6.33 -11.92 16.34
CA SER A 306 6.41 -11.42 14.98
C SER A 306 7.29 -12.37 14.20
N ILE A 307 7.13 -12.37 12.89
CA ILE A 307 8.05 -13.07 12.04
C ILE A 307 8.72 -12.06 11.13
N ILE A 308 10.01 -11.84 11.36
CA ILE A 308 10.72 -10.76 10.74
C ILE A 308 11.83 -11.29 9.82
N GLU A 309 11.81 -12.59 9.52
CA GLU A 309 12.72 -13.09 8.51
C GLU A 309 12.14 -14.34 7.86
N LYS A 310 12.50 -14.52 6.60
CA LYS A 310 11.84 -15.56 5.85
C LYS A 310 12.24 -16.88 6.50
N PRO A 311 11.31 -17.75 6.90
CA PRO A 311 11.66 -19.08 7.35
C PRO A 311 12.61 -19.80 6.39
N THR A 312 13.51 -20.62 6.97
CA THR A 312 14.48 -21.44 6.25
C THR A 312 14.02 -22.90 6.16
N ASP A 313 12.83 -23.25 6.64
CA ASP A 313 12.40 -24.64 6.64
C ASP A 313 11.67 -25.05 5.38
N GLY A 314 11.75 -24.24 4.31
CA GLY A 314 11.16 -24.63 3.03
C GLY A 314 9.63 -24.67 3.04
N ARG A 315 8.97 -24.20 4.13
CA ARG A 315 7.53 -24.08 4.05
C ARG A 315 7.12 -23.03 3.03
N ASP A 316 5.86 -23.12 2.59
CA ASP A 316 5.15 -22.10 1.83
C ASP A 316 4.47 -21.06 2.76
N LEU A 317 4.54 -19.78 2.40
CA LEU A 317 3.94 -18.71 3.19
C LEU A 317 3.75 -17.48 2.30
N VAL A 318 2.91 -16.55 2.75
CA VAL A 318 2.81 -15.24 2.15
C VAL A 318 3.93 -14.37 2.68
N CYS A 319 4.89 -14.01 1.78
CA CYS A 319 5.94 -13.05 2.15
C CYS A 319 5.54 -11.57 2.03
N HIS A 320 4.43 -11.25 1.32
CA HIS A 320 4.00 -9.87 1.17
C HIS A 320 3.86 -9.31 2.58
N ALA A 321 4.61 -8.27 2.85
CA ALA A 321 4.77 -7.75 4.20
C ALA A 321 3.44 -7.28 4.76
N SER A 322 3.13 -7.58 6.04
CA SER A 322 1.87 -7.17 6.64
C SER A 322 2.03 -6.97 8.13
N ALA A 323 1.05 -6.22 8.68
CA ALA A 323 0.86 -5.91 10.09
C ALA A 323 -0.50 -6.37 10.60
N TRP A 324 -0.51 -6.96 11.79
CA TRP A 324 -1.67 -7.64 12.30
C TRP A 324 -2.03 -7.19 13.70
N ASP A 325 -3.33 -6.94 13.89
CA ASP A 325 -3.89 -6.57 15.18
C ASP A 325 -4.70 -7.79 15.62
N PHE A 326 -4.48 -8.25 16.86
CA PHE A 326 -5.15 -9.45 17.35
C PHE A 326 -6.35 -9.13 18.22
N TYR A 327 -6.56 -7.85 18.52
CA TYR A 327 -7.80 -7.36 19.09
C TYR A 327 -7.91 -7.71 20.58
N LEU A 328 -6.80 -7.87 21.27
CA LEU A 328 -6.84 -7.98 22.71
C LEU A 328 -6.13 -6.75 23.22
N ILE A 329 -5.10 -6.96 24.05
CA ILE A 329 -4.28 -5.85 24.50
C ILE A 329 -2.83 -6.18 24.18
N ASP A 330 -2.18 -5.35 23.34
CA ASP A 330 -0.74 -5.43 23.14
C ASP A 330 -0.37 -6.64 22.32
N ASP A 331 -1.31 -7.44 21.78
CA ASP A 331 -0.91 -8.52 20.87
C ASP A 331 -1.07 -8.00 19.43
N VAL A 332 0.03 -7.41 18.94
CA VAL A 332 0.26 -6.97 17.59
C VAL A 332 1.52 -7.62 17.00
N ARG A 333 1.56 -7.80 15.68
CA ARG A 333 2.65 -8.53 15.09
C ARG A 333 2.86 -8.07 13.65
N ILE A 334 4.11 -8.27 13.15
CA ILE A 334 4.46 -8.07 11.76
C ILE A 334 4.95 -9.40 11.26
N LYS A 335 4.56 -9.66 10.01
CA LYS A 335 5.11 -10.72 9.21
C LYS A 335 5.80 -10.05 8.03
N GLN A 336 7.12 -10.05 8.09
CA GLN A 336 7.91 -9.49 7.03
C GLN A 336 9.07 -10.40 6.71
N CYS A 337 9.26 -10.69 5.42
CA CYS A 337 10.42 -11.46 5.00
C CYS A 337 11.65 -10.57 4.82
N THR A 338 12.13 -9.93 5.90
CA THR A 338 12.97 -8.73 5.88
C THR A 338 14.31 -9.01 5.23
N ARG A 339 14.77 -8.08 4.39
CA ARG A 339 16.14 -8.13 3.88
C ARG A 339 16.79 -6.80 4.28
N VAL A 340 18.12 -6.78 4.24
CA VAL A 340 18.88 -5.63 4.72
C VAL A 340 19.14 -4.69 3.56
N THR A 341 18.13 -3.89 3.23
CA THR A 341 18.29 -2.90 2.20
C THR A 341 17.69 -1.60 2.70
N GLN A 342 18.06 -0.55 1.98
CA GLN A 342 17.50 0.78 2.19
C GLN A 342 15.98 0.66 2.03
N ASP A 343 15.48 0.05 0.95
CA ASP A 343 14.05 0.22 0.79
C ASP A 343 13.34 -0.73 1.77
N GLN A 344 13.96 -1.81 2.21
CA GLN A 344 13.34 -2.59 3.28
C GLN A 344 13.32 -1.87 4.65
N LEU A 345 14.30 -1.00 4.87
CA LEU A 345 14.29 -0.22 6.07
C LEU A 345 13.03 0.62 6.04
N PHE A 346 12.64 1.13 4.90
CA PHE A 346 11.48 1.98 4.84
C PHE A 346 10.20 1.18 5.06
N THR A 347 10.18 0.00 4.51
CA THR A 347 9.09 -0.89 4.70
C THR A 347 8.87 -1.19 6.19
N VAL A 348 9.98 -1.40 6.93
CA VAL A 348 9.91 -1.71 8.35
C VAL A 348 9.16 -0.58 9.05
N HIS A 349 9.53 0.66 8.75
CA HIS A 349 8.85 1.83 9.30
C HIS A 349 7.41 1.92 8.80
N HIS A 350 7.15 1.41 7.57
CA HIS A 350 5.80 1.49 7.02
C HIS A 350 4.87 0.65 7.91
N GLU A 351 5.34 -0.58 8.11
CA GLU A 351 4.61 -1.61 8.84
C GLU A 351 4.40 -1.19 10.32
N LEU A 352 5.41 -0.54 10.92
CA LEU A 352 5.39 -0.25 12.33
C LEU A 352 4.45 0.92 12.50
N GLY A 353 4.18 1.64 11.40
CA GLY A 353 3.16 2.69 11.43
C GLY A 353 1.76 2.07 11.65
N HIS A 354 1.51 0.87 11.07
CA HIS A 354 0.24 0.24 11.28
C HIS A 354 0.19 -0.18 12.72
N ILE A 355 1.27 -0.84 13.20
CA ILE A 355 1.36 -1.32 14.56
C ILE A 355 1.10 -0.13 15.51
N GLN A 356 1.74 0.98 15.28
CA GLN A 356 1.52 2.10 16.20
C GLN A 356 0.03 2.44 16.24
N TYR A 357 -0.64 2.43 15.08
CA TYR A 357 -2.03 2.88 15.01
C TYR A 357 -2.88 1.96 15.89
N PHE A 358 -2.65 0.64 15.74
CA PHE A 358 -3.32 -0.37 16.53
C PHE A 358 -3.20 -0.16 18.05
N LEU A 359 -1.97 0.14 18.49
CA LEU A 359 -1.69 0.38 19.91
C LEU A 359 -2.36 1.68 20.35
N GLN A 360 -2.43 2.66 19.46
CA GLN A 360 -3.02 3.94 19.83
C GLN A 360 -4.53 3.84 19.99
N TYR A 361 -5.19 2.90 19.32
CA TYR A 361 -6.65 2.94 19.39
C TYR A 361 -7.20 1.72 20.12
N GLN A 362 -6.34 0.89 20.72
CA GLN A 362 -6.82 -0.37 21.29
C GLN A 362 -7.72 -0.23 22.54
N HIS A 363 -7.77 0.93 23.16
CA HIS A 363 -8.78 1.18 24.17
C HIS A 363 -10.12 1.56 23.54
N GLN A 364 -10.23 1.84 22.24
CA GLN A 364 -11.52 2.15 21.67
C GLN A 364 -12.42 0.92 21.64
N PRO A 365 -13.74 1.08 21.53
CA PRO A 365 -14.56 -0.07 21.20
C PRO A 365 -14.21 -0.70 19.85
N PHE A 366 -14.46 -2.00 19.76
CA PHE A 366 -14.10 -2.83 18.64
C PHE A 366 -14.36 -2.12 17.32
N VAL A 367 -15.57 -1.64 17.09
CA VAL A 367 -15.88 -1.14 15.75
C VAL A 367 -15.10 0.13 15.45
N TYR A 368 -14.53 0.82 16.46
CA TYR A 368 -13.65 1.96 16.16
C TYR A 368 -12.16 1.59 16.10
N ARG A 369 -11.81 0.31 16.22
CA ARG A 369 -10.41 -0.07 16.19
C ARG A 369 -10.02 -0.36 14.76
N THR A 370 -10.02 0.72 13.98
CA THR A 370 -9.49 0.69 12.63
C THR A 370 -9.15 2.11 12.29
N GLY A 371 -8.63 2.31 11.09
CA GLY A 371 -8.23 3.66 10.65
C GLY A 371 -9.40 4.61 10.44
N ALA A 372 -9.11 5.90 10.53
CA ALA A 372 -10.12 6.90 10.22
C ALA A 372 -10.67 6.70 8.79
N ASN A 373 -9.75 6.45 7.84
CA ASN A 373 -10.10 5.76 6.63
C ASN A 373 -8.90 4.88 6.27
N PRO A 374 -9.04 3.95 5.32
CA PRO A 374 -7.94 3.08 4.93
C PRO A 374 -6.65 3.83 4.62
N GLY A 375 -6.78 5.04 4.06
CA GLY A 375 -5.60 5.75 3.60
C GLY A 375 -4.81 6.23 4.80
N PHE A 376 -5.50 6.56 5.87
CA PHE A 376 -4.82 7.00 7.08
C PHE A 376 -3.91 5.93 7.64
N HIS A 377 -4.40 4.71 7.66
CA HIS A 377 -3.61 3.61 8.16
C HIS A 377 -2.31 3.44 7.38
N GLU A 378 -2.38 3.50 6.05
CA GLU A 378 -1.19 3.33 5.20
C GLU A 378 -0.25 4.52 5.32
N ALA A 379 -0.75 5.70 5.66
CA ALA A 379 0.09 6.89 5.63
C ALA A 379 1.03 6.94 6.83
N VAL A 380 0.63 6.33 7.96
CA VAL A 380 1.29 6.65 9.21
C VAL A 380 2.79 6.37 9.08
N GLY A 381 3.13 5.14 8.72
CA GLY A 381 4.51 4.70 8.64
C GLY A 381 5.27 5.47 7.56
N ASP A 382 4.54 5.98 6.56
CA ASP A 382 5.27 6.58 5.45
C ASP A 382 5.74 7.98 5.82
N VAL A 383 5.02 8.63 6.74
CA VAL A 383 5.48 9.93 7.21
C VAL A 383 6.86 9.77 7.86
N LEU A 384 7.06 8.67 8.60
CA LEU A 384 8.35 8.42 9.23
C LEU A 384 9.33 8.11 8.15
N SER A 385 9.03 7.17 7.24
CA SER A 385 9.93 6.76 6.15
C SER A 385 10.45 7.95 5.34
N LEU A 386 9.62 8.97 5.18
CA LEU A 386 10.02 10.18 4.53
C LEU A 386 11.27 10.77 5.22
N SER A 387 11.22 10.92 6.55
CA SER A 387 12.27 11.42 7.43
C SER A 387 13.45 10.50 7.33
N VAL A 388 13.16 9.21 7.38
CA VAL A 388 14.23 8.26 7.46
C VAL A 388 15.04 8.33 6.18
N SER A 389 14.40 8.60 5.05
CA SER A 389 15.06 8.68 3.75
C SER A 389 15.93 9.93 3.58
N THR A 390 15.73 10.99 4.40
CA THR A 390 16.48 12.21 4.26
C THR A 390 17.98 11.97 4.51
N PRO A 391 18.84 12.70 3.77
CA PRO A 391 20.28 12.69 4.05
C PRO A 391 20.56 13.04 5.51
N LYS A 392 19.80 14.03 5.98
CA LYS A 392 19.86 14.44 7.37
C LYS A 392 19.76 13.24 8.31
N HIS A 393 18.68 12.47 8.19
CA HIS A 393 18.51 11.39 9.14
C HIS A 393 19.60 10.33 8.94
N LEU A 394 19.93 10.16 7.67
CA LEU A 394 20.77 9.04 7.34
C LEU A 394 22.21 9.31 7.77
N GLU A 395 22.64 10.58 7.81
CA GLU A 395 23.97 10.83 8.35
C GLU A 395 23.96 10.67 9.88
N LYS A 396 22.89 11.15 10.58
CA LYS A 396 22.69 10.93 12.01
C LYS A 396 22.90 9.48 12.47
N ILE A 397 22.45 8.50 11.69
CA ILE A 397 22.49 7.13 12.14
C ILE A 397 23.66 6.43 11.48
N GLY A 398 24.49 7.23 10.78
CA GLY A 398 25.76 6.75 10.31
C GLY A 398 25.64 5.88 9.07
N LEU A 399 24.58 6.01 8.25
CA LEU A 399 24.49 5.14 7.08
C LEU A 399 24.97 5.86 5.83
N LEU A 400 25.01 7.19 5.92
CA LEU A 400 25.41 8.02 4.81
C LEU A 400 26.65 8.83 5.20
N LYS A 401 27.73 8.59 4.46
CA LYS A 401 29.03 9.20 4.77
C LYS A 401 29.49 10.14 3.67
N ASP A 402 30.18 11.23 4.10
CA ASP A 402 30.93 12.13 3.23
C ASP A 402 29.99 12.79 2.23
N TYR A 403 28.74 13.03 2.63
CA TYR A 403 27.71 13.61 1.79
C TYR A 403 27.86 15.12 1.83
N VAL A 404 27.94 15.77 0.67
CA VAL A 404 27.76 17.22 0.56
C VAL A 404 26.40 17.55 -0.05
N ARG A 405 25.64 18.44 0.58
CA ARG A 405 24.29 18.72 0.13
C ARG A 405 24.26 19.99 -0.73
N ASP A 406 24.92 19.93 -1.87
CA ASP A 406 24.79 21.02 -2.83
C ASP A 406 23.49 20.85 -3.61
N ASP A 407 23.24 21.86 -4.46
CA ASP A 407 22.04 21.95 -5.25
C ASP A 407 21.83 20.71 -6.11
N GLU A 408 22.92 20.12 -6.60
CA GLU A 408 22.81 19.00 -7.50
C GLU A 408 22.51 17.73 -6.71
N ALA A 409 23.08 17.57 -5.53
CA ALA A 409 22.69 16.44 -4.71
C ALA A 409 21.23 16.61 -4.23
N ARG A 410 20.77 17.83 -4.02
CA ARG A 410 19.38 18.01 -3.62
C ARG A 410 18.43 17.48 -4.73
N ILE A 411 18.72 17.81 -6.00
CA ILE A 411 17.90 17.44 -7.13
C ILE A 411 17.93 15.92 -7.23
N ASN A 412 19.13 15.31 -7.01
CA ASN A 412 19.20 13.87 -7.14
C ASN A 412 18.24 13.20 -6.14
N GLN A 413 18.22 13.72 -4.91
CA GLN A 413 17.50 13.09 -3.83
C GLN A 413 16.01 13.34 -4.06
N LEU A 414 15.66 14.57 -4.46
CA LEU A 414 14.33 14.88 -4.87
C LEU A 414 13.82 13.92 -5.95
N PHE A 415 14.63 13.69 -6.96
CA PHE A 415 14.13 12.90 -8.06
C PHE A 415 13.88 11.46 -7.61
N LEU A 416 14.79 10.96 -6.78
CA LEU A 416 14.79 9.63 -6.25
C LEU A 416 13.51 9.48 -5.45
N THR A 417 13.13 10.51 -4.70
CA THR A 417 11.92 10.42 -3.91
C THR A 417 10.68 10.37 -4.83
N ALA A 418 10.74 11.18 -5.88
CA ALA A 418 9.70 11.27 -6.91
C ALA A 418 9.54 9.95 -7.67
N LEU A 419 10.64 9.21 -7.86
CA LEU A 419 10.53 7.94 -8.51
C LEU A 419 9.68 6.95 -7.71
N ASP A 420 9.60 7.13 -6.39
CA ASP A 420 8.76 6.31 -5.55
C ASP A 420 7.38 6.99 -5.35
N LYS A 421 7.32 8.31 -5.15
CA LYS A 421 6.12 8.92 -4.67
C LYS A 421 5.20 9.48 -5.79
N ILE A 422 5.77 10.09 -6.84
CA ILE A 422 4.86 10.59 -7.91
C ILE A 422 4.50 9.44 -8.84
N VAL A 423 5.53 8.67 -9.19
CA VAL A 423 5.32 7.60 -10.15
C VAL A 423 4.18 6.66 -9.75
N PHE A 424 4.06 6.46 -8.45
CA PHE A 424 3.17 5.50 -7.85
C PHE A 424 1.74 5.92 -8.02
N LEU A 425 1.52 7.24 -8.13
CA LEU A 425 0.14 7.70 -8.04
C LEU A 425 -0.77 7.14 -9.16
N PRO A 426 -0.36 7.27 -10.43
CA PRO A 426 -1.14 6.73 -11.51
C PRO A 426 -1.27 5.22 -11.35
N PHE A 427 -0.19 4.57 -10.87
CA PHE A 427 -0.23 3.10 -10.80
C PHE A 427 -1.36 2.74 -9.83
N ALA A 428 -1.38 3.46 -8.70
CA ALA A 428 -2.27 3.09 -7.62
C ALA A 428 -3.69 3.37 -8.05
N PHE A 429 -3.90 4.48 -8.77
CA PHE A 429 -5.26 4.82 -9.22
C PHE A 429 -5.80 3.70 -10.11
N THR A 430 -4.91 3.07 -10.94
CA THR A 430 -5.33 2.14 -11.96
C THR A 430 -5.75 0.82 -11.34
N MET A 431 -5.13 0.46 -10.21
CA MET A 431 -5.38 -0.84 -9.62
C MET A 431 -6.88 -0.91 -9.28
N ASP A 432 -7.41 0.17 -8.71
CA ASP A 432 -8.80 0.21 -8.34
C ASP A 432 -9.67 0.67 -9.49
N LYS A 433 -9.18 1.51 -10.39
CA LYS A 433 -10.04 1.83 -11.52
C LYS A 433 -10.41 0.59 -12.32
N TYR A 434 -9.39 -0.26 -12.51
CA TYR A 434 -9.65 -1.55 -13.15
C TYR A 434 -10.71 -2.33 -12.39
N ARG A 435 -10.45 -2.62 -11.08
CA ARG A 435 -11.31 -3.51 -10.31
C ARG A 435 -12.72 -2.94 -10.27
N TRP A 436 -12.82 -1.63 -10.11
CA TRP A 436 -14.11 -0.97 -10.11
C TRP A 436 -14.82 -1.24 -11.43
N SER A 437 -14.11 -1.12 -12.56
CA SER A 437 -14.76 -1.22 -13.83
C SER A 437 -15.27 -2.64 -14.02
N LEU A 438 -14.65 -3.65 -13.39
CA LEU A 438 -15.18 -5.01 -13.47
C LEU A 438 -16.36 -5.19 -12.53
N PHE A 439 -16.15 -4.73 -11.28
CA PHE A 439 -17.21 -4.80 -10.30
C PHE A 439 -18.51 -4.18 -10.81
N ARG A 440 -18.45 -2.98 -11.40
CA ARG A 440 -19.63 -2.24 -11.89
C ARG A 440 -20.20 -2.81 -13.19
N GLY A 441 -19.56 -3.81 -13.78
CA GLY A 441 -20.01 -4.43 -15.01
C GLY A 441 -19.68 -3.61 -16.28
N GLU A 442 -18.69 -2.74 -16.26
CA GLU A 442 -18.52 -1.84 -17.39
C GLU A 442 -17.66 -2.51 -18.46
N VAL A 443 -16.98 -3.60 -18.17
CA VAL A 443 -16.12 -4.23 -19.14
C VAL A 443 -16.70 -5.62 -19.29
N ASP A 444 -16.75 -6.04 -20.54
CA ASP A 444 -17.07 -7.38 -20.93
C ASP A 444 -15.93 -8.38 -20.72
N LYS A 445 -16.29 -9.61 -20.33
CA LYS A 445 -15.34 -10.66 -19.94
C LYS A 445 -14.36 -10.93 -21.07
N ALA A 446 -14.86 -10.83 -22.29
CA ALA A 446 -13.95 -10.94 -23.43
C ALA A 446 -12.79 -9.91 -23.47
N ASN A 447 -12.97 -8.73 -22.81
CA ASN A 447 -12.01 -7.62 -22.89
C ASN A 447 -11.26 -7.39 -21.56
N TRP A 448 -11.30 -8.33 -20.60
CA TRP A 448 -10.80 -8.05 -19.28
C TRP A 448 -9.28 -7.89 -19.25
N ASN A 449 -8.50 -8.63 -20.00
CA ASN A 449 -7.07 -8.42 -19.90
C ASN A 449 -6.67 -7.09 -20.55
N CYS A 450 -7.12 -6.80 -21.77
CA CYS A 450 -6.66 -5.60 -22.48
C CYS A 450 -7.23 -4.34 -21.81
N ALA A 451 -8.33 -4.49 -21.07
CA ALA A 451 -8.83 -3.37 -20.29
C ALA A 451 -7.84 -2.99 -19.17
N PHE A 452 -7.14 -4.01 -18.65
CA PHE A 452 -6.11 -3.76 -17.68
C PHE A 452 -4.96 -2.96 -18.30
N TRP A 453 -4.43 -3.45 -19.42
CA TRP A 453 -3.22 -2.82 -19.98
C TRP A 453 -3.56 -1.49 -20.63
N LYS A 454 -4.84 -1.34 -20.98
CA LYS A 454 -5.27 -0.05 -21.44
C LYS A 454 -5.12 1.02 -20.35
N LEU A 455 -5.61 0.73 -19.14
CA LEU A 455 -5.49 1.69 -18.07
C LEU A 455 -4.04 1.97 -17.79
N ARG A 456 -3.23 0.90 -17.81
CA ARG A 456 -1.84 1.04 -17.43
C ARG A 456 -1.13 1.96 -18.43
N ASP A 457 -1.49 1.83 -19.72
CA ASP A 457 -0.93 2.71 -20.75
C ASP A 457 -1.48 4.13 -20.51
N GLU A 458 -2.77 4.25 -20.44
CA GLU A 458 -3.36 5.58 -20.48
C GLU A 458 -2.86 6.39 -19.29
N TYR A 459 -2.78 5.77 -18.09
CA TYR A 459 -2.44 6.52 -16.89
C TYR A 459 -0.93 6.51 -16.63
N SER A 460 -0.21 5.38 -16.81
CA SER A 460 1.20 5.39 -16.45
C SER A 460 2.13 5.47 -17.64
N GLY A 461 1.63 5.22 -18.85
CA GLY A 461 2.52 5.23 -20.00
C GLY A 461 3.61 4.19 -19.97
N ILE A 462 3.21 2.99 -19.52
CA ILE A 462 4.07 1.82 -19.50
C ILE A 462 3.35 0.70 -20.24
N GLU A 463 4.11 -0.34 -20.65
CA GLU A 463 3.47 -1.47 -21.29
C GLU A 463 4.28 -2.73 -21.02
N PRO A 464 3.68 -3.92 -21.19
CA PRO A 464 4.43 -5.15 -21.12
C PRO A 464 5.59 -5.29 -22.10
N PRO A 465 6.58 -6.10 -21.72
CA PRO A 465 7.74 -6.27 -22.58
C PRO A 465 7.44 -7.11 -23.80
N VAL A 466 6.35 -7.87 -23.76
CA VAL A 466 5.96 -8.78 -24.82
C VAL A 466 4.49 -8.55 -25.11
N VAL A 467 4.05 -9.09 -26.24
CA VAL A 467 2.66 -8.94 -26.60
C VAL A 467 1.83 -9.87 -25.72
N ARG A 468 0.74 -9.35 -25.18
CA ARG A 468 -0.22 -10.10 -24.43
C ARG A 468 -1.55 -10.00 -25.16
N SER A 469 -2.47 -10.83 -24.71
CA SER A 469 -3.74 -10.96 -25.38
C SER A 469 -4.76 -11.42 -24.35
N GLU A 470 -5.97 -11.66 -24.83
CA GLU A 470 -7.03 -12.17 -23.95
C GLU A 470 -6.77 -13.64 -23.61
N LYS A 471 -5.67 -14.20 -24.14
CA LYS A 471 -5.28 -15.52 -23.68
C LYS A 471 -4.53 -15.39 -22.34
N ASP A 472 -4.07 -14.19 -21.95
CA ASP A 472 -3.34 -14.01 -20.71
C ASP A 472 -4.31 -13.33 -19.77
N PHE A 473 -4.00 -13.36 -18.46
CA PHE A 473 -4.78 -12.54 -17.54
C PHE A 473 -3.87 -11.99 -16.45
N ASP A 474 -3.50 -10.71 -16.55
CA ASP A 474 -2.26 -10.27 -15.93
C ASP A 474 -2.49 -9.59 -14.56
N ALA A 475 -3.69 -9.09 -14.34
CA ALA A 475 -3.93 -8.30 -13.15
C ALA A 475 -3.57 -9.02 -11.84
N PRO A 476 -3.99 -10.29 -11.64
CA PRO A 476 -3.74 -10.98 -10.38
C PRO A 476 -2.25 -11.24 -10.10
N ALA A 477 -1.38 -10.93 -11.07
CA ALA A 477 0.04 -10.97 -10.80
C ALA A 477 0.44 -9.87 -9.80
N LYS A 478 -0.45 -8.97 -9.45
CA LYS A 478 -0.17 -8.08 -8.32
C LYS A 478 -0.81 -8.65 -7.06
N TYR A 479 -0.05 -8.67 -5.95
CA TYR A 479 -0.47 -9.32 -4.70
C TYR A 479 -1.92 -8.97 -4.35
N HIS A 480 -2.13 -7.66 -4.25
CA HIS A 480 -3.35 -7.12 -3.75
C HIS A 480 -4.54 -7.53 -4.60
N ILE A 481 -4.30 -7.87 -5.87
CA ILE A 481 -5.40 -8.22 -6.71
C ILE A 481 -5.78 -9.65 -6.44
N SER A 482 -4.75 -10.49 -6.29
CA SER A 482 -4.97 -11.88 -5.93
C SER A 482 -5.53 -12.01 -4.53
N ALA A 483 -5.19 -11.11 -3.62
CA ALA A 483 -5.59 -11.26 -2.23
C ALA A 483 -6.80 -10.45 -1.81
N ASP A 484 -7.38 -9.71 -2.75
CA ASP A 484 -8.57 -8.91 -2.46
C ASP A 484 -8.34 -7.89 -1.34
N VAL A 485 -7.32 -7.05 -1.56
CA VAL A 485 -6.99 -5.90 -0.74
C VAL A 485 -7.24 -4.65 -1.57
N GLU A 486 -8.27 -3.87 -1.23
CA GLU A 486 -8.47 -2.55 -1.83
C GLU A 486 -7.14 -1.80 -1.92
N TYR A 487 -6.97 -1.09 -3.05
CA TYR A 487 -5.71 -0.44 -3.37
C TYR A 487 -5.81 1.08 -3.27
N LEU A 488 -7.02 1.62 -3.32
CA LEU A 488 -7.17 3.08 -3.26
C LEU A 488 -6.57 3.65 -1.99
N ARG A 489 -6.52 2.87 -0.90
CA ARG A 489 -5.96 3.34 0.36
C ARG A 489 -4.56 3.90 0.12
N TYR A 490 -3.86 3.34 -0.87
CA TYR A 490 -2.48 3.73 -1.07
C TYR A 490 -2.41 5.02 -1.88
N LEU A 491 -3.32 5.22 -2.83
CA LEU A 491 -3.38 6.52 -3.42
C LEU A 491 -3.73 7.60 -2.38
N VAL A 492 -4.69 7.30 -1.52
CA VAL A 492 -5.05 8.28 -0.53
C VAL A 492 -3.84 8.57 0.38
N SER A 493 -3.12 7.51 0.78
CA SER A 493 -1.98 7.63 1.65
C SER A 493 -0.93 8.55 1.04
N PHE A 494 -0.60 8.30 -0.23
CA PHE A 494 0.47 9.07 -0.88
C PHE A 494 0.12 10.55 -1.05
N ILE A 495 -1.14 10.94 -1.09
CA ILE A 495 -1.46 12.36 -0.98
C ILE A 495 -1.40 12.85 0.46
N ILE A 496 -2.10 12.16 1.35
CA ILE A 496 -2.30 12.71 2.69
C ILE A 496 -1.04 12.57 3.53
N GLN A 497 -0.14 11.62 3.23
CA GLN A 497 1.11 11.54 3.98
C GLN A 497 1.96 12.81 3.85
N PHE A 498 1.83 13.56 2.76
CA PHE A 498 2.49 14.85 2.63
C PHE A 498 1.83 15.92 3.51
N GLN A 499 0.52 15.84 3.68
CA GLN A 499 -0.18 16.80 4.56
C GLN A 499 0.29 16.60 6.00
N PHE A 500 0.38 15.34 6.42
CA PHE A 500 0.88 14.98 7.73
C PHE A 500 2.33 15.34 7.89
N TYR A 501 3.16 15.07 6.87
CA TYR A 501 4.61 15.26 6.99
C TYR A 501 4.91 16.77 7.04
N LYS A 502 4.28 17.55 6.19
CA LYS A 502 4.52 18.96 6.24
C LYS A 502 4.15 19.51 7.63
N SER A 503 2.96 19.15 8.08
CA SER A 503 2.48 19.63 9.36
C SER A 503 3.36 19.13 10.49
N ALA A 504 3.80 17.88 10.49
CA ALA A 504 4.70 17.39 11.49
C ALA A 504 6.06 18.11 11.48
N CYS A 505 6.60 18.38 10.30
CA CYS A 505 7.84 19.10 10.11
C CYS A 505 7.68 20.53 10.67
N ILE A 506 6.55 21.17 10.41
CA ILE A 506 6.40 22.51 10.94
C ILE A 506 6.41 22.43 12.46
N LYS A 507 5.71 21.44 13.02
CA LYS A 507 5.56 21.33 14.45
C LYS A 507 6.91 21.07 15.09
N ALA A 508 7.84 20.46 14.35
CA ALA A 508 9.10 20.05 14.92
C ALA A 508 10.12 21.16 14.73
N GLY A 509 9.73 22.27 14.14
CA GLY A 509 10.70 23.30 13.80
C GLY A 509 11.62 22.89 12.64
N GLN A 510 11.31 21.80 11.94
CA GLN A 510 12.18 21.39 10.83
C GLN A 510 11.78 21.93 9.46
N TYR A 511 10.76 22.77 9.34
CA TYR A 511 10.43 23.33 8.05
C TYR A 511 9.84 24.73 8.22
N ASP A 512 10.41 25.67 7.45
CA ASP A 512 9.90 27.00 7.31
C ASP A 512 10.10 27.24 5.83
N PRO A 513 9.03 27.56 5.07
CA PRO A 513 9.19 27.83 3.65
C PRO A 513 10.03 29.08 3.37
N ASP A 514 10.20 29.97 4.35
CA ASP A 514 10.89 31.23 4.11
C ASP A 514 12.31 31.18 4.64
N ASN A 515 12.83 29.97 4.83
CA ASN A 515 14.15 29.79 5.37
C ASN A 515 14.81 28.63 4.63
N VAL A 516 15.80 28.98 3.80
CA VAL A 516 16.48 28.08 2.87
C VAL A 516 17.12 26.87 3.58
N GLU A 517 17.37 26.99 4.89
CA GLU A 517 18.06 25.96 5.65
C GLU A 517 17.09 24.92 6.26
N LEU A 518 15.76 25.12 6.15
CA LEU A 518 14.78 24.14 6.64
C LEU A 518 13.83 23.82 5.50
N PRO A 519 14.33 23.20 4.41
CA PRO A 519 13.49 22.84 3.28
C PRO A 519 12.73 21.54 3.57
N LEU A 520 11.54 21.40 3.00
CA LEU A 520 10.65 20.31 3.40
C LEU A 520 11.33 18.96 3.21
N ASP A 521 12.08 18.90 2.11
CA ASP A 521 12.69 17.67 1.67
C ASP A 521 13.95 17.31 2.47
N ASN A 522 14.32 18.07 3.49
CA ASN A 522 15.35 17.49 4.35
C ASN A 522 14.88 17.48 5.81
N CYS A 523 13.56 17.51 6.04
CA CYS A 523 13.02 17.44 7.40
C CYS A 523 13.17 16.05 8.07
N ASP A 524 13.78 16.06 9.27
CA ASP A 524 13.79 14.89 10.15
C ASP A 524 12.92 15.16 11.38
N ILE A 525 11.95 14.30 11.63
CA ILE A 525 11.06 14.48 12.77
C ILE A 525 11.46 13.53 13.91
N TYR A 526 12.57 12.79 13.76
CA TYR A 526 13.12 11.98 14.84
C TYR A 526 13.22 12.84 16.11
N GLY A 527 12.79 12.23 17.22
CA GLY A 527 12.89 12.90 18.49
C GLY A 527 11.91 14.04 18.68
N SER A 528 10.98 14.35 17.75
CA SER A 528 10.02 15.45 17.96
C SER A 528 8.78 14.98 18.73
N ALA A 529 8.70 15.36 20.00
CA ALA A 529 7.50 15.15 20.79
C ALA A 529 6.39 16.02 20.24
N ALA A 530 6.70 17.10 19.54
CA ALA A 530 5.59 17.94 19.05
C ALA A 530 4.77 17.21 17.98
N ALA A 531 5.51 16.48 17.12
CA ALA A 531 4.92 15.68 16.04
C ALA A 531 4.20 14.48 16.61
N GLY A 532 4.88 13.80 17.57
CA GLY A 532 4.37 12.67 18.31
C GLY A 532 2.97 12.96 18.86
N ALA A 533 2.79 14.17 19.37
CA ALA A 533 1.58 14.55 20.07
C ALA A 533 0.41 14.60 19.10
N ALA A 534 0.63 15.31 18.01
CA ALA A 534 -0.30 15.44 16.91
C ALA A 534 -0.72 14.04 16.40
N PHE A 535 0.24 13.14 16.25
CA PHE A 535 -0.06 11.75 15.93
C PHE A 535 -0.97 11.09 16.97
N HIS A 536 -0.59 11.20 18.25
CA HIS A 536 -1.37 10.63 19.32
C HIS A 536 -2.82 11.14 19.23
N ASN A 537 -2.98 12.44 19.01
CA ASN A 537 -4.32 12.99 18.98
C ASN A 537 -5.13 12.34 17.87
N MET A 538 -4.50 12.12 16.71
CA MET A 538 -5.28 11.62 15.58
C MET A 538 -5.45 10.11 15.71
N LEU A 539 -4.35 9.42 15.94
CA LEU A 539 -4.40 7.96 15.89
C LEU A 539 -5.26 7.38 17.01
N SER A 540 -5.32 8.07 18.16
CA SER A 540 -6.00 7.50 19.29
C SER A 540 -7.49 7.51 19.01
N MET A 541 -7.93 8.34 18.04
CA MET A 541 -9.35 8.40 17.66
C MET A 541 -9.87 7.15 16.99
N GLY A 542 -9.03 6.34 16.36
CA GLY A 542 -9.51 5.22 15.57
C GLY A 542 -10.45 5.72 14.47
N ALA A 543 -11.60 5.01 14.35
CA ALA A 543 -12.68 5.36 13.46
C ALA A 543 -13.87 5.94 14.21
N SER A 544 -13.60 6.61 15.35
CA SER A 544 -14.65 7.05 16.26
C SER A 544 -15.40 8.23 15.65
N LYS A 545 -14.72 8.91 14.75
CA LYS A 545 -15.26 10.01 14.01
C LYS A 545 -14.94 9.86 12.53
N PRO A 546 -15.75 10.50 11.68
CA PRO A 546 -15.41 10.60 10.27
C PRO A 546 -14.02 11.16 10.08
N TRP A 547 -13.37 10.86 8.95
CA TRP A 547 -11.95 11.06 8.84
C TRP A 547 -11.58 12.54 8.86
N PRO A 548 -12.39 13.49 8.40
CA PRO A 548 -11.96 14.87 8.45
C PRO A 548 -11.69 15.39 9.84
N ASP A 549 -12.42 14.77 10.79
CA ASP A 549 -12.32 15.12 12.19
C ASP A 549 -10.97 14.64 12.72
N ALA A 550 -10.48 13.51 12.20
CA ALA A 550 -9.21 12.92 12.64
C ALA A 550 -8.07 13.75 12.07
N LEU A 551 -8.25 14.20 10.83
CA LEU A 551 -7.28 15.11 10.26
C LEU A 551 -7.19 16.40 11.07
N GLU A 552 -8.34 16.88 11.50
CA GLU A 552 -8.42 18.19 12.10
C GLU A 552 -7.68 18.13 13.44
N ALA A 553 -7.77 16.99 14.11
CA ALA A 553 -7.06 16.70 15.34
C ALA A 553 -5.58 16.79 15.14
N PHE A 554 -5.10 16.36 13.99
CA PHE A 554 -3.68 16.34 13.73
C PHE A 554 -3.12 17.73 13.45
N ASN A 555 -3.78 18.54 12.63
CA ASN A 555 -3.19 19.78 12.16
C ASN A 555 -4.25 20.86 11.95
N GLY A 556 -5.50 20.62 12.33
CA GLY A 556 -6.49 21.68 12.09
C GLY A 556 -7.16 21.64 10.70
N GLU A 557 -6.72 20.86 9.72
CA GLU A 557 -7.41 20.90 8.43
C GLU A 557 -8.47 19.80 8.33
N ARG A 558 -9.30 19.89 7.30
CA ARG A 558 -10.41 18.95 7.15
C ARG A 558 -10.51 18.42 5.73
N ILE A 559 -9.64 18.91 4.85
CA ILE A 559 -9.77 18.58 3.46
C ILE A 559 -8.56 17.76 3.02
N MET A 560 -8.76 16.69 2.25
CA MET A 560 -7.70 16.03 1.49
C MET A 560 -7.17 16.92 0.35
N SER A 561 -5.85 17.21 0.35
CA SER A 561 -5.31 18.20 -0.56
C SER A 561 -4.00 17.75 -1.18
N GLY A 562 -3.89 18.09 -2.48
CA GLY A 562 -2.65 17.93 -3.24
C GLY A 562 -1.60 19.03 -3.03
N LYS A 563 -1.92 20.13 -2.33
CA LYS A 563 -1.03 21.26 -2.10
C LYS A 563 0.29 20.82 -1.47
N ALA A 564 0.26 19.91 -0.49
CA ALA A 564 1.48 19.57 0.22
C ALA A 564 2.48 18.78 -0.63
N ILE A 565 1.97 17.75 -1.30
CA ILE A 565 2.81 16.93 -2.15
C ILE A 565 3.39 17.78 -3.29
N ALA A 566 2.65 18.78 -3.79
CA ALA A 566 3.24 19.64 -4.82
C ALA A 566 4.33 20.57 -4.24
N GLU A 567 4.04 21.19 -3.10
CA GLU A 567 4.98 21.99 -2.35
C GLU A 567 6.26 21.22 -2.10
N TYR A 568 6.18 19.96 -1.69
CA TYR A 568 7.40 19.19 -1.54
C TYR A 568 8.25 19.12 -2.81
N PHE A 569 7.60 18.81 -3.96
CA PHE A 569 8.32 18.52 -5.19
C PHE A 569 8.56 19.76 -6.07
N GLU A 570 8.03 20.92 -5.68
CA GLU A 570 8.09 22.13 -6.49
C GLU A 570 9.51 22.46 -6.96
N PRO A 571 10.57 22.43 -6.13
CA PRO A 571 11.93 22.62 -6.64
C PRO A 571 12.36 21.67 -7.76
N LEU A 572 11.86 20.43 -7.70
CA LEU A 572 12.12 19.41 -8.73
C LEU A 572 11.38 19.79 -10.00
N ARG A 573 10.11 20.16 -9.85
CA ARG A 573 9.32 20.51 -11.01
C ARG A 573 10.00 21.61 -11.83
N VAL A 574 10.47 22.64 -11.14
CA VAL A 574 11.09 23.76 -11.82
C VAL A 574 12.30 23.28 -12.60
N TRP A 575 13.16 22.57 -11.90
CA TRP A 575 14.38 22.13 -12.51
C TRP A 575 14.09 21.20 -13.68
N LEU A 576 13.07 20.35 -13.53
CA LEU A 576 12.91 19.21 -14.42
C LEU A 576 12.26 19.70 -15.70
N GLU A 577 11.29 20.60 -15.55
CA GLU A 577 10.69 21.22 -16.70
C GLU A 577 11.78 21.83 -17.58
N ALA A 578 12.75 22.47 -16.92
CA ALA A 578 13.75 23.26 -17.61
C ALA A 578 14.71 22.27 -18.21
N GLU A 579 14.99 21.21 -17.46
CA GLU A 579 15.94 20.26 -18.05
C GLU A 579 15.36 19.50 -19.25
N ASN A 580 14.05 19.27 -19.27
CA ASN A 580 13.49 18.52 -20.37
C ASN A 580 13.51 19.41 -21.62
N ILE A 581 13.20 20.70 -21.45
CA ILE A 581 13.24 21.65 -22.54
C ILE A 581 14.68 21.84 -23.04
N LYS A 582 15.61 21.94 -22.12
CA LYS A 582 17.03 22.05 -22.45
C LYS A 582 17.47 20.89 -23.36
N ASN A 583 16.93 19.70 -23.14
CA ASN A 583 17.34 18.51 -23.87
C ASN A 583 16.30 18.02 -24.87
N ASN A 584 15.28 18.86 -25.14
CA ASN A 584 14.35 18.56 -26.19
C ASN A 584 13.69 17.20 -25.98
N VAL A 585 13.26 16.91 -24.75
CA VAL A 585 12.76 15.58 -24.40
C VAL A 585 11.30 15.48 -24.81
N HIS A 586 10.97 14.42 -25.59
CA HIS A 586 9.58 14.14 -25.98
C HIS A 586 8.81 13.73 -24.72
N ILE A 587 7.66 14.38 -24.55
CA ILE A 587 6.73 14.16 -23.47
C ILE A 587 5.48 13.55 -24.06
N GLY A 588 4.87 12.52 -23.42
CA GLY A 588 3.64 11.82 -23.83
C GLY A 588 3.97 10.53 -24.59
N TRP A 589 2.96 9.74 -24.93
CA TRP A 589 3.19 8.49 -25.61
C TRP A 589 2.01 8.16 -26.50
N THR A 590 2.36 7.39 -27.54
CA THR A 590 1.37 6.77 -28.40
C THR A 590 0.77 5.57 -27.69
N THR A 591 -0.36 5.15 -28.22
CA THR A 591 -1.11 3.99 -27.73
C THR A 591 -0.30 2.73 -27.92
N SER A 592 -0.21 1.96 -26.82
CA SER A 592 0.53 0.71 -26.83
C SER A 592 -0.03 -0.26 -27.86
N ASN A 593 0.83 -1.08 -28.41
CA ASN A 593 0.50 -2.20 -29.29
C ASN A 593 0.65 -3.56 -28.61
N LYS A 594 0.91 -3.57 -27.30
CA LYS A 594 1.29 -4.79 -26.61
C LYS A 594 0.09 -5.61 -26.12
N CYS A 595 -1.18 -5.18 -26.34
CA CYS A 595 -2.28 -6.05 -25.93
C CYS A 595 -3.23 -6.16 -27.11
N VAL A 596 -3.34 -7.38 -27.61
CA VAL A 596 -4.08 -7.67 -28.83
C VAL A 596 -5.46 -8.20 -28.50
N SER A 597 -6.51 -7.54 -29.00
CA SER A 597 -7.93 -7.73 -28.62
C SER A 597 -8.56 -8.98 -29.24
N TYR B 1 -5.29 -8.02 8.60
CA TYR B 1 -3.93 -7.46 8.33
C TYR B 1 -3.97 -6.17 7.51
N TRP B 2 -2.81 -5.42 7.55
CA TRP B 2 -2.55 -4.27 6.71
C TRP B 2 -1.23 -4.41 5.88
N TYR C 1 2.38 -3.58 3.06
CA TYR C 1 3.18 -2.88 2.03
C TYR C 1 2.33 -2.74 0.75
N TRP C 2 2.71 -1.77 -0.10
CA TRP C 2 2.02 -1.66 -1.38
C TRP C 2 2.53 -2.62 -2.46
C1 NAG D . -31.93 -3.40 0.90
C2 NAG D . -32.12 -3.63 2.40
C3 NAG D . -33.35 -4.53 2.64
C4 NAG D . -34.59 -4.13 1.85
C5 NAG D . -34.25 -3.88 0.39
C6 NAG D . -35.36 -3.30 -0.48
C7 NAG D . -30.00 -3.70 3.75
C8 NAG D . -28.80 -4.55 4.14
N2 NAG D . -30.94 -4.26 2.96
O3 NAG D . -33.66 -4.48 4.02
O4 NAG D . -35.58 -5.16 2.01
O5 NAG D . -33.17 -2.93 0.33
O6 NAG D . -34.92 -3.24 -1.85
O7 NAG D . -30.14 -2.57 4.19
C1 NAG D . -36.82 -4.70 2.51
C2 NAG D . -37.98 -5.67 2.24
C3 NAG D . -39.19 -5.48 3.14
C4 NAG D . -38.80 -5.29 4.58
C5 NAG D . -37.73 -4.21 4.74
C6 NAG D . -37.17 -4.20 6.13
C7 NAG D . -37.92 -6.01 -0.12
C8 NAG D . -38.36 -5.55 -1.48
N2 NAG D . -38.53 -5.42 0.91
O3 NAG D . -40.00 -6.62 2.96
O4 NAG D . -39.94 -4.81 5.30
O5 NAG D . -36.59 -4.41 3.88
O6 NAG D . -37.37 -2.90 6.57
O7 NAG D . -37.05 -6.87 0.08
C1 BMA D . -40.96 -5.62 5.81
C2 BMA D . -41.66 -4.85 6.92
C3 BMA D . -42.78 -5.66 7.50
C4 BMA D . -43.66 -6.22 6.37
C5 BMA D . -42.93 -6.81 5.11
C6 BMA D . -43.74 -7.00 3.81
O2 BMA D . -42.13 -3.59 6.43
O3 BMA D . -43.56 -4.89 8.48
O4 BMA D . -44.32 -7.26 7.00
O5 BMA D . -41.88 -5.93 4.76
O6 BMA D . -43.29 -8.20 3.05
C1 MAN D . -43.31 -5.05 9.84
C2 MAN D . -44.30 -4.94 11.02
C3 MAN D . -44.72 -3.47 11.05
C4 MAN D . -43.45 -2.60 11.26
C5 MAN D . -42.19 -2.96 10.36
C6 MAN D . -40.91 -2.65 11.10
O2 MAN D . -43.77 -5.46 12.27
O3 MAN D . -45.75 -3.20 12.05
O4 MAN D . -43.76 -1.25 10.98
O5 MAN D . -42.08 -4.39 10.08
O6 MAN D . -40.45 -1.32 10.85
C1 BMA D . -39.98 -0.48 11.86
C2 BMA D . -40.66 0.83 11.52
C3 BMA D . -40.87 1.69 12.69
C4 BMA D . -41.63 0.76 13.62
C5 BMA D . -40.55 -0.14 14.23
C6 BMA D . -41.15 -1.05 15.26
O2 BMA D . -41.93 0.59 10.94
O3 BMA D . -41.51 2.93 12.34
O4 BMA D . -42.33 1.43 14.64
O5 BMA D . -39.90 -0.94 13.21
O6 BMA D . -40.24 -2.07 15.59
C1 MAN D . -43.61 -8.63 1.75
C2 MAN D . -42.23 -8.80 1.07
C3 MAN D . -41.96 -8.23 -0.31
C4 MAN D . -43.25 -7.61 -0.93
C5 MAN D . -43.99 -6.77 0.19
C6 MAN D . -45.02 -5.65 -0.21
O2 MAN D . -41.81 -10.17 1.02
O3 MAN D . -41.23 -9.26 -1.01
O4 MAN D . -42.91 -6.72 -1.98
O5 MAN D . -44.56 -7.74 1.11
O6 MAN D . -46.26 -5.94 -0.94
ZN ZN E . 0.54 -0.78 4.82
C1 NAG F . 4.67 12.56 26.42
C2 NAG F . 4.62 14.02 26.84
C3 NAG F . 3.79 14.34 28.12
C4 NAG F . 2.51 13.49 28.33
C5 NAG F . 2.92 12.03 28.02
C6 NAG F . 1.83 10.97 28.09
C7 NAG F . 6.78 14.95 26.22
C8 NAG F . 8.25 14.55 26.08
N2 NAG F . 6.04 14.22 27.04
O3 NAG F . 3.45 15.72 28.11
O4 NAG F . 1.90 13.78 29.62
O5 NAG F . 3.40 11.94 26.65
O6 NAG F . 2.33 9.65 27.74
O7 NAG F . 6.21 15.89 25.65
C1 NAG G . 2.42 -25.72 9.47
C2 NAG G . 3.32 -26.20 10.61
C3 NAG G . 3.21 -27.72 10.60
C4 NAG G . 1.78 -28.07 11.00
C5 NAG G . 0.97 -27.62 9.78
C6 NAG G . -0.52 -27.94 9.78
C7 NAG G . 5.25 -24.70 11.20
C8 NAG G . 6.71 -24.49 10.90
N2 NAG G . 4.65 -25.65 10.46
O3 NAG G . 4.16 -28.38 11.40
O4 NAG G . 1.65 -29.45 11.33
O5 NAG G . 1.09 -26.18 9.68
O6 NAG G . -0.95 -28.22 8.42
O7 NAG G . 4.67 -24.05 12.10
#